data_8OMR
#
_entry.id   8OMR
#
_cell.length_a   1.00
_cell.length_b   1.00
_cell.length_c   1.00
_cell.angle_alpha   90.00
_cell.angle_beta   90.00
_cell.angle_gamma   90.00
#
_symmetry.space_group_name_H-M   'P 1'
#
loop_
_entity.id
_entity.type
_entity.pdbx_description
1 polymer 'Queuine tRNA-ribosyltransferase catalytic subunit 1'
2 polymer 'Queuine tRNA-ribosyltransferase accessory subunit 2'
3 polymer tRNAAsp
4 non-polymer 'ZINC ION'
5 non-polymer 9-DEAZAGUANINE
#
loop_
_entity_poly.entity_id
_entity_poly.type
_entity_poly.pdbx_seq_one_letter_code
_entity_poly.pdbx_strand_id
1 'polypeptide(L)'
;GPMAGAATQASLESAPRIMRLVAECSRSRARAGELWLPHGTVATPVFMPVGTQATMKGITTEQLDALGCRICLGNTYHLG
LRPGPELIQKANGLHGFMNWPHNLLTDSGGFQMVSLVSLSEVTEEGVRFRSPYDGNETLLSPEKSVQIQNALGSDIIMQL
DDVVSSTVTGPRVEEAMYRSIRWLDRCIAAHQRPDKQNLFAIIQGGLDADLRATCLEEMTKRDVPGFAIGGLSGGESKSQ
FWRMVALSTSRLPKDKPRYLMGVGYATDLVVCVALGCDMFDCVFPTRTARFGSALVPTGNLQLRKKVFEKDFGPIDPECT
CPTCQKHSRAFLHALLHSDNTAALHHLTVHNIAYQLQLMSAVRTSIVEKRFPDFVRDFMGAMYGDPTLCPTWATDALASV
GITLG
;
A
2 'polypeptide(L)'
;MKLSLTKVVNGCRLGKIKNLGKTGDHTMDIPGCLLYTKTGSAPHLTHHTLHNIHGVPAMAQLTLSSLAEHHEVLTEYKEG
VGKFIGMPESLLYCSLHDPVSPCPAGYVTNKSVSVWSVAGRVEMTVSKFMAIQKALQPDWFQCLSDGEVSCKEATSIKRV
RKSVDRSLLFLDNCLRLQEESEVLQKSVIIGVIEGGDVMEERLRSARETAKRPVGGFLLDGFQGNPTTLEARLRLLSSVT
AELPEDKPRLISGVSRPDEVLECIERGVDLFESFFPYQVTERGCALTFSFDYQPNPEETLLQQNGTQEEIKCMDQIKKIE
TTGCNQEITSFEINLKEKKYQEDFNPLVRGCSCYCCKNHTRAYIHHLLVTNELLAGVLLMMHNFEHYFGFFHYIREALKS
DKLAQLKELIHRQAS
;
B
3 'polyribonucleotide' AGGUCGUUAGUAUAGUGGUGAGUAUCCCCGCCUGUCACGCGGGAGACCGGGGUUCGAUUCCCCGACGGCCUGCCA C
#
loop_
_chem_comp.id
_chem_comp.type
_chem_comp.name
_chem_comp.formula
9DG non-polymer 9-DEAZAGUANINE 'C6 H6 N4 O'
A RNA linking ADENOSINE-5'-MONOPHOSPHATE 'C10 H14 N5 O7 P'
C RNA linking CYTIDINE-5'-MONOPHOSPHATE 'C9 H14 N3 O8 P'
G RNA linking GUANOSINE-5'-MONOPHOSPHATE 'C10 H14 N5 O8 P'
U RNA linking URIDINE-5'-MONOPHOSPHATE 'C9 H13 N2 O9 P'
ZN non-polymer 'ZINC ION' 'Zn 2'
#
# COMPACT_ATOMS: atom_id res chain seq x y z
N PRO A 16 30.85 -14.06 27.71
CA PRO A 16 31.02 -13.29 26.48
C PRO A 16 29.95 -12.22 26.32
N ARG A 17 30.33 -10.97 26.57
CA ARG A 17 29.38 -9.88 26.51
C ARG A 17 28.92 -9.67 25.07
N ILE A 18 27.81 -8.95 24.92
CA ILE A 18 27.27 -8.64 23.59
C ILE A 18 27.28 -7.16 23.29
N MET A 19 27.55 -6.31 24.27
CA MET A 19 27.51 -4.87 24.06
C MET A 19 28.93 -4.31 24.18
N ARG A 20 29.27 -3.40 23.29
CA ARG A 20 30.51 -2.65 23.38
C ARG A 20 30.17 -1.18 23.54
N LEU A 21 30.84 -0.51 24.46
CA LEU A 21 30.61 0.91 24.66
C LEU A 21 31.54 1.71 23.76
N VAL A 22 31.03 2.82 23.25
CA VAL A 22 31.81 3.75 22.46
C VAL A 22 31.95 5.08 23.17
N ALA A 23 30.84 5.74 23.44
CA ALA A 23 30.91 7.07 24.04
C ALA A 23 29.86 7.19 25.12
N GLU A 24 30.25 7.77 26.25
CA GLU A 24 29.36 7.93 27.37
C GLU A 24 29.36 9.39 27.81
N CYS A 25 28.18 9.95 27.99
CA CYS A 25 28.07 11.37 28.31
C CYS A 25 28.74 11.65 29.64
N SER A 26 29.49 12.74 29.71
CA SER A 26 30.19 13.11 30.93
C SER A 26 29.37 14.05 31.80
N ARG A 27 28.15 14.37 31.39
CA ARG A 27 27.26 15.26 32.13
C ARG A 27 26.07 14.54 32.71
N SER A 28 25.64 13.45 32.08
CA SER A 28 24.45 12.69 32.45
C SER A 28 24.83 11.22 32.41
N ARG A 29 23.83 10.35 32.25
CA ARG A 29 24.08 8.92 32.22
C ARG A 29 23.78 8.32 30.86
N ALA A 30 23.69 9.14 29.82
CA ALA A 30 23.41 8.64 28.49
C ALA A 30 24.59 7.85 27.95
N ARG A 31 24.30 6.83 27.17
CA ARG A 31 25.36 6.01 26.59
C ARG A 31 25.16 5.91 25.09
N ALA A 32 26.15 5.34 24.40
CA ALA A 32 26.08 5.26 22.96
C ALA A 32 27.05 4.19 22.50
N GLY A 33 26.54 3.08 21.96
CA GLY A 33 27.36 1.89 21.74
C GLY A 33 26.98 1.06 20.56
N GLU A 34 27.06 -0.25 20.71
CA GLU A 34 26.75 -1.10 19.57
C GLU A 34 26.59 -2.55 19.99
N LEU A 35 25.61 -3.22 19.38
CA LEU A 35 25.27 -4.60 19.66
C LEU A 35 25.88 -5.47 18.56
N TRP A 36 26.30 -6.67 18.96
CA TRP A 36 26.98 -7.64 18.09
C TRP A 36 26.15 -8.90 17.98
N LEU A 37 25.19 -8.90 17.07
CA LEU A 37 24.21 -9.97 16.92
C LEU A 37 24.61 -10.92 15.79
N PRO A 38 23.99 -12.10 15.72
CA PRO A 38 24.39 -13.10 14.71
C PRO A 38 24.20 -12.69 13.26
N HIS A 39 23.36 -11.69 12.96
CA HIS A 39 23.21 -11.17 11.60
C HIS A 39 23.60 -9.70 11.63
N GLY A 40 24.89 -9.44 11.54
CA GLY A 40 25.33 -8.07 11.50
C GLY A 40 25.23 -7.41 12.87
N THR A 41 25.26 -6.08 12.86
CA THR A 41 25.45 -5.33 14.08
C THR A 41 24.63 -4.06 14.04
N VAL A 42 24.28 -3.57 15.23
CA VAL A 42 23.31 -2.49 15.35
C VAL A 42 23.90 -1.42 16.25
N ALA A 43 23.71 -0.15 15.90
CA ALA A 43 24.28 0.92 16.71
C ALA A 43 23.24 1.46 17.69
N THR A 44 23.56 1.37 19.03
CA THR A 44 22.61 1.77 20.06
C THR A 44 22.77 3.24 20.41
N PRO A 45 21.66 3.92 20.75
CA PRO A 45 20.28 3.40 20.81
C PRO A 45 19.62 3.04 19.47
N VAL A 46 18.50 2.31 19.53
CA VAL A 46 17.78 1.89 18.33
C VAL A 46 16.29 1.89 18.63
N PHE A 47 15.48 2.22 17.63
CA PHE A 47 14.05 1.99 17.66
C PHE A 47 13.69 0.90 16.65
N MET A 48 12.78 0.01 17.02
CA MET A 48 12.42 -1.13 16.16
C MET A 48 10.91 -1.16 15.95
N PRO A 49 10.41 -1.09 14.71
CA PRO A 49 8.98 -1.24 14.47
C PRO A 49 8.56 -2.69 14.53
N VAL A 50 7.25 -2.92 14.65
CA VAL A 50 6.72 -4.24 15.01
C VAL A 50 5.66 -4.70 14.02
N GLY A 51 5.82 -5.93 13.53
CA GLY A 51 4.88 -6.53 12.61
C GLY A 51 4.51 -7.93 13.06
N THR A 52 3.28 -8.12 13.54
CA THR A 52 2.96 -9.29 14.35
C THR A 52 2.82 -10.55 13.52
N GLN A 53 1.89 -10.57 12.57
CA GLN A 53 1.61 -11.79 11.81
C GLN A 53 2.50 -11.88 10.59
N ALA A 54 3.80 -11.74 10.85
CA ALA A 54 4.85 -12.02 9.87
C ALA A 54 4.70 -11.13 8.64
N THR A 55 4.47 -9.85 8.88
CA THR A 55 4.47 -8.82 7.85
C THR A 55 4.38 -7.47 8.53
N MET A 56 4.89 -6.44 7.88
CA MET A 56 4.61 -5.06 8.26
C MET A 56 3.41 -4.57 7.47
N LYS A 57 2.50 -3.87 8.12
CA LYS A 57 1.15 -3.79 7.59
C LYS A 57 1.15 -2.87 6.37
N GLY A 58 1.15 -3.49 5.20
CA GLY A 58 0.85 -2.82 3.97
C GLY A 58 2.04 -2.39 3.16
N ILE A 59 3.23 -2.90 3.45
CA ILE A 59 4.45 -2.35 2.88
C ILE A 59 5.45 -3.47 2.67
N THR A 60 6.08 -3.45 1.51
CA THR A 60 6.95 -4.55 1.11
C THR A 60 8.29 -4.41 1.83
N THR A 61 9.00 -5.53 1.97
CA THR A 61 10.22 -5.51 2.77
C THR A 61 11.33 -4.69 2.14
N GLU A 62 11.31 -4.52 0.82
CA GLU A 62 12.37 -3.74 0.18
C GLU A 62 12.26 -2.28 0.55
N GLN A 63 11.04 -1.76 0.62
CA GLN A 63 10.86 -0.39 1.07
C GLN A 63 11.46 -0.19 2.45
N LEU A 64 11.11 -1.09 3.38
CA LEU A 64 11.55 -0.93 4.77
C LEU A 64 13.05 -1.01 4.84
N ASP A 65 13.63 -1.98 4.15
CA ASP A 65 15.08 -2.15 4.19
C ASP A 65 15.79 -0.92 3.67
N ALA A 66 15.25 -0.32 2.60
CA ALA A 66 15.89 0.84 2.01
C ALA A 66 15.70 2.09 2.86
N LEU A 67 14.69 2.13 3.73
CA LEU A 67 14.56 3.27 4.66
C LEU A 67 15.69 3.32 5.68
N GLY A 68 16.30 2.19 6.01
CA GLY A 68 17.47 2.21 6.86
C GLY A 68 17.39 1.27 8.06
N CYS A 69 16.21 0.72 8.31
CA CYS A 69 15.92 0.01 9.56
C CYS A 69 16.80 -1.23 9.64
N ARG A 70 17.09 -1.68 10.86
CA ARG A 70 17.99 -2.81 11.03
C ARG A 70 17.52 -3.94 11.93
N ILE A 71 16.44 -3.79 12.71
CA ILE A 71 15.93 -4.93 13.45
C ILE A 71 14.41 -4.78 13.66
N CYS A 72 13.70 -5.92 13.64
CA CYS A 72 12.24 -5.97 13.54
C CYS A 72 11.70 -6.98 14.55
N LEU A 73 10.37 -7.02 14.70
CA LEU A 73 9.71 -7.80 15.75
C LEU A 73 8.83 -8.94 15.19
N GLY A 74 8.15 -9.63 16.10
CA GLY A 74 7.23 -10.73 15.80
C GLY A 74 6.50 -11.13 17.07
N ASN A 75 5.53 -12.04 16.92
CA ASN A 75 4.73 -12.49 18.06
C ASN A 75 4.57 -14.01 18.04
N THR A 76 4.30 -14.60 19.22
CA THR A 76 4.37 -16.04 19.42
C THR A 76 2.99 -16.69 19.47
N TYR A 77 2.11 -16.14 20.30
CA TYR A 77 0.71 -16.59 20.37
C TYR A 77 0.08 -16.67 18.99
N HIS A 78 0.12 -15.55 18.25
CA HIS A 78 -0.51 -15.48 16.94
C HIS A 78 0.11 -16.48 15.98
N LEU A 79 1.44 -16.55 15.96
CA LEU A 79 2.08 -17.39 14.97
C LEU A 79 1.94 -18.87 15.32
N GLY A 80 1.85 -19.18 16.62
CA GLY A 80 1.64 -20.56 17.04
C GLY A 80 0.21 -21.00 16.86
N LEU A 81 -0.71 -20.04 16.80
CA LEU A 81 -2.12 -20.33 16.54
C LEU A 81 -2.34 -20.63 15.07
N ARG A 82 -2.04 -19.66 14.21
CA ARG A 82 -2.15 -19.81 12.77
C ARG A 82 -1.03 -19.02 12.11
N PRO A 83 -0.23 -19.64 11.26
CA PRO A 83 -0.38 -21.00 10.76
C PRO A 83 0.17 -22.12 11.63
N GLY A 84 0.84 -21.87 12.75
CA GLY A 84 1.30 -22.96 13.57
C GLY A 84 2.77 -23.29 13.40
N PRO A 85 3.39 -23.81 14.46
CA PRO A 85 4.83 -24.06 14.41
C PRO A 85 5.26 -25.04 13.35
N GLU A 86 4.43 -26.04 13.05
CA GLU A 86 4.89 -27.20 12.28
C GLU A 86 5.31 -26.83 10.86
N LEU A 87 4.56 -25.98 10.19
CA LEU A 87 4.94 -25.66 8.82
C LEU A 87 5.85 -24.44 8.76
N ILE A 88 5.77 -23.54 9.74
CA ILE A 88 6.70 -22.43 9.79
C ILE A 88 8.12 -22.96 9.96
N GLN A 89 8.28 -23.97 10.79
CA GLN A 89 9.58 -24.64 10.85
C GLN A 89 9.93 -25.24 9.50
N LYS A 90 8.93 -25.73 8.76
CA LYS A 90 9.18 -26.29 7.44
C LYS A 90 9.41 -25.21 6.39
N ALA A 91 9.03 -23.98 6.67
CA ALA A 91 9.33 -22.86 5.80
C ALA A 91 10.65 -22.19 6.14
N ASN A 92 11.52 -22.88 6.88
CA ASN A 92 12.82 -22.34 7.31
C ASN A 92 12.65 -21.11 8.17
N GLY A 93 11.90 -21.27 9.24
CA GLY A 93 11.80 -20.25 10.24
C GLY A 93 11.12 -19.00 9.72
N LEU A 94 11.11 -17.99 10.57
CA LEU A 94 10.43 -16.76 10.22
C LEU A 94 11.29 -15.84 9.36
N HIS A 95 12.60 -16.10 9.28
CA HIS A 95 13.43 -15.42 8.30
C HIS A 95 13.05 -15.87 6.90
N GLY A 96 12.95 -17.18 6.68
CA GLY A 96 12.63 -17.63 5.35
C GLY A 96 11.19 -17.31 5.02
N PHE A 97 10.30 -17.51 5.99
CA PHE A 97 8.87 -17.33 5.75
C PHE A 97 8.58 -15.89 5.36
N MET A 98 9.23 -14.93 6.02
CA MET A 98 8.93 -13.52 5.80
C MET A 98 9.87 -12.86 4.79
N ASN A 99 11.07 -13.39 4.61
CA ASN A 99 12.08 -12.92 3.65
C ASN A 99 12.68 -11.60 4.09
N TRP A 100 13.45 -11.61 5.19
CA TRP A 100 14.04 -10.42 5.81
C TRP A 100 15.49 -10.67 6.24
N PRO A 101 16.49 -10.00 5.63
CA PRO A 101 17.90 -10.29 5.95
C PRO A 101 18.52 -9.40 7.03
N HIS A 102 17.93 -9.40 8.22
CA HIS A 102 18.48 -8.62 9.34
C HIS A 102 18.11 -9.35 10.62
N ASN A 103 18.14 -8.64 11.74
CA ASN A 103 17.86 -9.24 13.03
C ASN A 103 16.38 -9.22 13.38
N LEU A 104 15.97 -10.20 14.17
CA LEU A 104 14.58 -10.37 14.60
C LEU A 104 14.52 -10.49 16.12
N LEU A 105 13.39 -10.12 16.70
CA LEU A 105 13.18 -10.24 18.13
C LEU A 105 11.75 -10.68 18.36
N THR A 106 11.55 -11.76 19.11
CA THR A 106 10.26 -12.43 19.19
C THR A 106 9.69 -12.28 20.59
N ASP A 107 8.46 -11.78 20.70
CA ASP A 107 7.84 -11.60 22.00
C ASP A 107 7.21 -12.91 22.51
N SER A 108 6.95 -12.94 23.81
CA SER A 108 6.56 -14.17 24.50
C SER A 108 5.06 -14.35 24.60
N GLY A 109 4.26 -13.43 24.08
CA GLY A 109 2.83 -13.59 24.13
C GLY A 109 2.22 -13.25 25.46
N GLY A 110 3.02 -12.74 26.40
CA GLY A 110 2.51 -12.33 27.68
C GLY A 110 1.65 -11.10 27.63
N PHE A 111 1.74 -10.33 26.55
CA PHE A 111 0.91 -9.14 26.44
C PHE A 111 -0.54 -9.49 26.11
N GLN A 112 -0.75 -10.65 25.48
CA GLN A 112 -2.10 -11.10 25.23
C GLN A 112 -2.80 -11.39 26.54
N MET A 113 -2.04 -11.49 27.63
CA MET A 113 -2.60 -11.75 28.94
C MET A 113 -3.21 -10.49 29.56
N VAL A 114 -3.02 -9.32 28.94
CA VAL A 114 -3.61 -8.08 29.47
C VAL A 114 -4.50 -7.45 28.41
N SER A 115 -4.17 -7.66 27.14
CA SER A 115 -5.02 -7.17 26.07
C SER A 115 -6.31 -7.98 25.98
N LEU A 116 -6.18 -9.31 25.96
CA LEU A 116 -7.32 -10.23 25.91
C LEU A 116 -7.68 -10.72 27.30
N VAL A 117 -7.89 -9.77 28.21
CA VAL A 117 -8.05 -10.09 29.63
C VAL A 117 -9.33 -10.88 29.86
N SER A 118 -10.43 -10.43 29.25
CA SER A 118 -11.74 -11.06 29.43
C SER A 118 -11.97 -12.19 28.45
N LEU A 119 -10.95 -13.01 28.25
CA LEU A 119 -11.08 -14.12 27.32
C LEU A 119 -10.20 -15.31 27.74
N SER A 120 -9.65 -15.31 28.96
CA SER A 120 -8.73 -16.37 29.31
C SER A 120 -8.52 -16.42 30.81
N GLU A 121 -8.00 -17.55 31.28
CA GLU A 121 -7.71 -17.75 32.70
C GLU A 121 -6.33 -18.37 32.87
N VAL A 122 -5.75 -18.19 34.06
CA VAL A 122 -4.36 -18.56 34.30
C VAL A 122 -4.25 -19.30 35.61
N THR A 123 -3.50 -20.39 35.62
CA THR A 123 -3.17 -21.10 36.85
C THR A 123 -1.67 -21.36 36.89
N GLU A 124 -1.23 -22.04 37.95
CA GLU A 124 0.19 -22.26 38.15
C GLU A 124 0.77 -23.16 37.07
N GLU A 125 -0.08 -23.78 36.27
CA GLU A 125 0.34 -24.69 35.23
C GLU A 125 0.56 -23.96 33.92
N GLY A 126 -0.18 -22.86 33.70
CA GLY A 126 -0.06 -22.14 32.44
C GLY A 126 -1.14 -21.10 32.30
N VAL A 127 -1.56 -20.87 31.05
CA VAL A 127 -2.72 -20.02 30.77
C VAL A 127 -3.59 -20.70 29.72
N ARG A 128 -4.90 -20.60 29.89
CA ARG A 128 -5.87 -21.17 28.95
C ARG A 128 -6.53 -20.04 28.20
N PHE A 129 -6.39 -20.06 26.87
CA PHE A 129 -6.90 -19.01 26.00
C PHE A 129 -8.01 -19.53 25.10
N ARG A 130 -9.10 -18.76 24.99
CA ARG A 130 -10.17 -18.99 24.01
C ARG A 130 -9.98 -18.06 22.82
N SER A 131 -9.78 -18.62 21.63
CA SER A 131 -9.41 -17.79 20.49
C SER A 131 -10.44 -16.69 20.23
N PRO A 132 -10.00 -15.47 19.94
CA PRO A 132 -10.94 -14.38 19.62
C PRO A 132 -11.40 -14.35 18.18
N TYR A 133 -11.10 -15.37 17.40
CA TYR A 133 -11.61 -15.54 16.03
C TYR A 133 -12.55 -16.72 15.88
N ASP A 134 -12.54 -17.65 16.82
CA ASP A 134 -13.47 -18.77 16.91
C ASP A 134 -13.22 -19.43 18.25
N GLY A 135 -14.25 -19.58 19.06
CA GLY A 135 -14.05 -19.83 20.47
C GLY A 135 -13.56 -21.22 20.79
N ASN A 136 -12.28 -21.45 20.54
CA ASN A 136 -11.60 -22.68 20.91
C ASN A 136 -10.61 -22.37 22.00
N GLU A 137 -10.39 -23.33 22.89
CA GLU A 137 -9.52 -23.12 24.04
C GLU A 137 -8.31 -24.04 23.96
N THR A 138 -7.14 -23.51 24.33
CA THR A 138 -5.94 -24.33 24.44
C THR A 138 -5.05 -23.80 25.57
N LEU A 139 -3.93 -24.50 25.78
CA LEU A 139 -3.03 -24.28 26.90
C LEU A 139 -1.70 -23.71 26.45
N LEU A 140 -1.18 -22.74 27.20
CA LEU A 140 0.13 -22.13 26.95
C LEU A 140 0.95 -22.11 28.24
N SER A 141 1.88 -23.04 28.37
CA SER A 141 2.74 -23.21 29.53
C SER A 141 4.17 -22.85 29.15
N PRO A 142 5.04 -22.57 30.13
CA PRO A 142 6.41 -22.13 29.79
C PRO A 142 7.14 -23.03 28.83
N GLU A 143 7.03 -24.34 29.00
CA GLU A 143 7.72 -25.26 28.11
C GLU A 143 7.23 -25.09 26.68
N LYS A 144 5.92 -24.99 26.49
CA LYS A 144 5.38 -24.91 25.15
C LYS A 144 5.80 -23.60 24.50
N SER A 145 5.74 -22.49 25.24
CA SER A 145 6.13 -21.19 24.70
C SER A 145 7.59 -21.19 24.28
N VAL A 146 8.48 -21.68 25.14
CA VAL A 146 9.89 -21.72 24.78
C VAL A 146 10.13 -22.66 23.61
N GLN A 147 9.42 -23.78 23.55
CA GLN A 147 9.61 -24.69 22.42
C GLN A 147 9.24 -24.03 21.10
N ILE A 148 8.07 -23.42 21.04
CA ILE A 148 7.65 -22.85 19.75
C ILE A 148 8.56 -21.69 19.39
N GLN A 149 9.04 -20.93 20.37
CA GLN A 149 10.00 -19.89 20.05
C GLN A 149 11.31 -20.48 19.54
N ASN A 150 11.71 -21.64 20.06
CA ASN A 150 12.91 -22.28 19.52
C ASN A 150 12.68 -22.68 18.07
N ALA A 151 11.45 -23.02 17.72
CA ALA A 151 11.18 -23.39 16.34
C ALA A 151 11.25 -22.18 15.42
N LEU A 152 10.81 -21.01 15.89
CA LEU A 152 10.83 -19.83 15.03
C LEU A 152 12.25 -19.37 14.74
N GLY A 153 13.15 -19.43 15.71
CA GLY A 153 14.55 -19.15 15.49
C GLY A 153 14.89 -17.68 15.28
N SER A 154 14.71 -16.89 16.33
CA SER A 154 15.03 -15.48 16.36
C SER A 154 16.42 -15.24 16.95
N ASP A 155 16.78 -13.96 17.10
CA ASP A 155 18.08 -13.55 17.61
C ASP A 155 18.05 -13.15 19.07
N ILE A 156 16.93 -12.60 19.53
CA ILE A 156 16.70 -12.39 20.95
C ILE A 156 15.35 -13.00 21.28
N ILE A 157 15.32 -13.84 22.31
CA ILE A 157 14.12 -14.57 22.70
C ILE A 157 13.76 -14.18 24.12
N MET A 158 12.47 -14.00 24.38
CA MET A 158 11.98 -13.51 25.65
C MET A 158 11.29 -14.62 26.42
N GLN A 159 11.36 -14.54 27.75
CA GLN A 159 10.76 -15.55 28.61
C GLN A 159 9.31 -15.23 28.91
N LEU A 160 8.50 -16.27 29.03
CA LEU A 160 7.08 -16.09 29.39
C LEU A 160 6.99 -15.58 30.82
N ASP A 161 6.16 -14.58 31.04
CA ASP A 161 6.02 -14.00 32.36
C ASP A 161 4.56 -13.75 32.64
N ASP A 162 4.23 -13.65 33.92
CA ASP A 162 2.84 -13.48 34.36
C ASP A 162 2.55 -11.99 34.50
N VAL A 163 2.10 -11.40 33.40
CA VAL A 163 1.90 -9.95 33.34
C VAL A 163 0.57 -9.60 33.98
N VAL A 164 0.58 -8.64 34.88
CA VAL A 164 -0.66 -8.07 35.40
C VAL A 164 -0.74 -6.64 34.90
N SER A 165 -1.93 -6.09 34.93
CA SER A 165 -2.09 -4.72 34.46
C SER A 165 -1.40 -3.76 35.41
N SER A 166 -0.97 -2.64 34.86
CA SER A 166 -0.36 -1.58 35.64
C SER A 166 -1.38 -0.69 36.28
N THR A 167 -2.61 -1.18 36.43
CA THR A 167 -3.69 -0.45 37.07
C THR A 167 -4.46 -1.30 38.07
N VAL A 168 -3.78 -2.24 38.74
CA VAL A 168 -4.43 -3.16 39.67
C VAL A 168 -3.59 -3.24 40.93
N THR A 169 -4.21 -3.70 42.01
CA THR A 169 -3.58 -3.73 43.33
C THR A 169 -3.89 -5.07 44.00
N GLY A 170 -3.56 -5.17 45.28
CA GLY A 170 -3.84 -6.37 46.04
C GLY A 170 -2.70 -7.36 45.96
N PRO A 171 -2.89 -8.54 46.55
CA PRO A 171 -1.82 -9.56 46.55
C PRO A 171 -1.55 -10.15 45.18
N ARG A 172 -2.32 -9.74 44.18
CA ARG A 172 -2.16 -10.23 42.82
C ARG A 172 -0.76 -9.95 42.29
N VAL A 173 -0.21 -8.77 42.61
CA VAL A 173 1.13 -8.39 42.16
C VAL A 173 2.21 -9.29 42.74
N GLU A 174 2.11 -9.63 44.03
CA GLU A 174 3.12 -10.52 44.59
C GLU A 174 3.04 -11.89 43.96
N GLU A 175 1.83 -12.41 43.77
CA GLU A 175 1.71 -13.71 43.14
C GLU A 175 2.37 -13.67 41.77
N ALA A 176 2.11 -12.61 41.00
CA ALA A 176 2.65 -12.54 39.66
C ALA A 176 4.16 -12.52 39.71
N MET A 177 4.74 -11.76 40.63
CA MET A 177 6.19 -11.65 40.72
C MET A 177 6.82 -13.00 40.99
N TYR A 178 6.37 -13.67 42.05
CA TYR A 178 7.00 -14.93 42.42
C TYR A 178 6.75 -16.00 41.36
N ARG A 179 5.55 -16.02 40.77
CA ARG A 179 5.29 -17.01 39.73
C ARG A 179 6.20 -16.77 38.54
N SER A 180 6.46 -15.50 38.24
CA SER A 180 7.34 -15.17 37.12
C SER A 180 8.75 -15.67 37.38
N ILE A 181 9.19 -15.58 38.63
CA ILE A 181 10.53 -16.08 38.97
C ILE A 181 10.58 -17.60 38.80
N ARG A 182 9.55 -18.29 39.29
CA ARG A 182 9.54 -19.76 39.17
C ARG A 182 9.51 -20.16 37.71
N TRP A 183 8.68 -19.50 36.92
CA TRP A 183 8.63 -19.79 35.49
C TRP A 183 9.96 -19.47 34.83
N LEU A 184 10.66 -18.46 35.35
CA LEU A 184 11.97 -18.10 34.81
C LEU A 184 12.89 -19.29 34.92
N ASP A 185 12.93 -19.90 36.09
CA ASP A 185 13.86 -21.02 36.28
C ASP A 185 13.41 -22.21 35.44
N ARG A 186 12.11 -22.44 35.35
CA ARG A 186 11.61 -23.54 34.52
C ARG A 186 12.03 -23.36 33.07
N CYS A 187 11.87 -22.15 32.53
CA CYS A 187 12.17 -21.90 31.13
C CYS A 187 13.67 -21.83 30.87
N ILE A 188 14.46 -21.45 31.87
CA ILE A 188 15.91 -21.61 31.74
C ILE A 188 16.24 -23.07 31.59
N ALA A 189 15.61 -23.92 32.38
CA ALA A 189 15.85 -25.35 32.26
C ALA A 189 15.33 -25.89 30.94
N ALA A 190 14.36 -25.20 30.34
CA ALA A 190 13.72 -25.63 29.10
C ALA A 190 14.44 -25.14 27.85
N HIS A 191 15.36 -24.19 27.97
CA HIS A 191 16.03 -23.60 26.83
C HIS A 191 16.99 -24.62 26.21
N GLN A 192 17.00 -24.68 24.88
CA GLN A 192 17.72 -25.71 24.17
C GLN A 192 18.80 -25.21 23.22
N ARG A 193 18.83 -23.93 22.88
CA ARG A 193 19.82 -23.38 21.95
C ARG A 193 20.48 -22.17 22.59
N PRO A 194 21.31 -22.39 23.61
CA PRO A 194 21.89 -21.25 24.34
C PRO A 194 22.85 -20.43 23.50
N ASP A 195 23.35 -20.99 22.41
CA ASP A 195 24.35 -20.33 21.58
C ASP A 195 23.72 -19.38 20.58
N LYS A 196 22.59 -19.78 20.00
CA LYS A 196 21.97 -19.02 18.92
C LYS A 196 20.90 -18.05 19.38
N GLN A 197 20.52 -18.03 20.64
CA GLN A 197 19.53 -17.07 21.08
C GLN A 197 19.89 -16.53 22.46
N ASN A 198 19.43 -15.30 22.71
CA ASN A 198 19.72 -14.57 23.94
C ASN A 198 18.42 -14.37 24.70
N LEU A 199 18.28 -15.08 25.80
CA LEU A 199 17.09 -15.02 26.63
C LEU A 199 17.19 -13.79 27.51
N PHE A 200 16.12 -13.00 27.58
CA PHE A 200 16.13 -11.77 28.36
C PHE A 200 15.18 -11.93 29.54
N ALA A 201 15.75 -11.96 30.74
CA ALA A 201 14.95 -11.83 31.95
C ALA A 201 14.09 -10.59 31.85
N ILE A 202 12.87 -10.66 32.38
CA ILE A 202 11.96 -9.53 32.38
C ILE A 202 11.66 -9.16 33.81
N ILE A 203 11.86 -7.89 34.14
CA ILE A 203 11.71 -7.41 35.50
C ILE A 203 10.26 -7.03 35.70
N GLN A 204 9.65 -7.52 36.76
CA GLN A 204 8.24 -7.25 37.04
C GLN A 204 8.14 -6.59 38.41
N GLY A 205 6.93 -6.19 38.78
CA GLY A 205 6.73 -5.61 40.09
C GLY A 205 5.77 -4.44 40.13
N GLY A 206 5.21 -4.08 38.99
CA GLY A 206 4.22 -3.00 38.98
C GLY A 206 4.89 -1.69 39.31
N LEU A 207 4.34 -0.97 40.30
CA LEU A 207 4.83 0.36 40.63
C LEU A 207 5.21 0.48 42.09
N ASP A 208 5.52 -0.64 42.73
CA ASP A 208 5.87 -0.66 44.15
C ASP A 208 7.38 -0.75 44.30
N ALA A 209 7.95 0.11 45.13
CA ALA A 209 9.40 0.20 45.24
C ALA A 209 9.99 -1.10 45.76
N ASP A 210 9.45 -1.61 46.87
CA ASP A 210 10.03 -2.78 47.53
C ASP A 210 9.93 -4.01 46.66
N LEU A 211 8.79 -4.22 46.00
CA LEU A 211 8.61 -5.40 45.19
C LEU A 211 9.57 -5.41 44.00
N ARG A 212 9.73 -4.25 43.36
CA ARG A 212 10.62 -4.15 42.21
C ARG A 212 12.07 -4.30 42.64
N ALA A 213 12.41 -3.75 43.80
CA ALA A 213 13.75 -3.93 44.36
C ALA A 213 14.02 -5.40 44.61
N THR A 214 13.05 -6.11 45.19
CA THR A 214 13.22 -7.54 45.46
C THR A 214 13.44 -8.28 44.15
N CYS A 215 12.66 -7.94 43.13
CA CYS A 215 12.74 -8.63 41.85
C CYS A 215 14.14 -8.44 41.27
N LEU A 216 14.61 -7.19 41.26
CA LEU A 216 15.94 -6.85 40.75
C LEU A 216 16.99 -7.66 41.47
N GLU A 217 16.95 -7.62 42.80
CA GLU A 217 17.93 -8.31 43.63
C GLU A 217 17.94 -9.80 43.33
N GLU A 218 16.75 -10.40 43.24
CA GLU A 218 16.64 -11.85 43.09
C GLU A 218 17.14 -12.29 41.72
N MET A 219 16.67 -11.67 40.65
CA MET A 219 16.90 -12.22 39.33
C MET A 219 18.12 -11.62 38.66
N THR A 220 18.89 -10.82 39.39
CA THR A 220 20.22 -10.44 38.97
C THR A 220 21.21 -11.58 39.19
N LYS A 221 20.88 -12.53 40.05
CA LYS A 221 21.79 -13.62 40.38
C LYS A 221 21.84 -14.66 39.28
N ARG A 222 20.79 -14.79 38.48
CA ARG A 222 20.79 -15.71 37.36
C ARG A 222 21.70 -15.19 36.26
N ASP A 223 22.20 -16.10 35.44
CA ASP A 223 23.02 -15.73 34.30
C ASP A 223 22.14 -15.44 33.09
N VAL A 224 22.03 -14.17 32.73
CA VAL A 224 21.25 -13.79 31.56
C VAL A 224 22.04 -12.78 30.74
N PRO A 225 22.03 -12.89 29.41
CA PRO A 225 22.64 -11.87 28.57
C PRO A 225 22.13 -10.45 28.78
N GLY A 226 20.84 -10.28 29.05
CA GLY A 226 20.25 -8.95 29.10
C GLY A 226 19.08 -8.87 30.04
N PHE A 227 18.58 -7.66 30.23
CA PHE A 227 17.51 -7.39 31.17
C PHE A 227 16.56 -6.42 30.50
N ALA A 228 15.29 -6.50 30.88
CA ALA A 228 14.24 -5.71 30.29
C ALA A 228 13.28 -5.29 31.36
N ILE A 229 12.56 -4.20 31.10
CA ILE A 229 11.76 -3.54 32.12
C ILE A 229 10.31 -3.59 31.65
N GLY A 230 9.45 -4.21 32.45
CA GLY A 230 8.12 -4.56 32.00
C GLY A 230 7.06 -4.00 32.91
N GLY A 231 5.84 -3.98 32.40
CA GLY A 231 4.72 -3.55 33.20
C GLY A 231 4.47 -2.06 33.18
N LEU A 232 5.13 -1.32 32.30
CA LEU A 232 5.06 0.14 32.26
C LEU A 232 4.56 0.57 30.89
N SER A 233 3.25 0.61 30.71
CA SER A 233 2.72 0.93 29.40
C SER A 233 1.32 1.50 29.56
N GLY A 234 0.86 2.18 28.52
CA GLY A 234 -0.49 2.68 28.49
C GLY A 234 -0.66 3.95 29.30
N GLY A 235 -1.78 4.04 30.01
CA GLY A 235 -2.13 5.23 30.76
C GLY A 235 -1.84 5.06 32.23
N GLU A 236 -0.92 5.87 32.73
CA GLU A 236 -0.65 5.96 34.16
C GLU A 236 0.07 7.28 34.40
N SER A 237 0.14 7.66 35.68
CA SER A 237 0.86 8.87 36.02
C SER A 237 2.30 8.77 35.55
N LYS A 238 2.79 9.80 34.89
CA LYS A 238 4.16 9.79 34.40
C LYS A 238 5.17 10.03 35.51
N SER A 239 4.74 10.65 36.61
CA SER A 239 5.61 10.90 37.76
C SER A 239 6.07 9.58 38.36
N GLN A 240 5.20 8.58 38.41
CA GLN A 240 5.64 7.26 38.85
C GLN A 240 6.49 6.60 37.78
N PHE A 241 6.15 6.84 36.52
CA PHE A 241 6.79 6.15 35.41
C PHE A 241 8.29 6.45 35.38
N TRP A 242 8.66 7.73 35.40
CA TRP A 242 10.08 8.01 35.25
C TRP A 242 10.85 7.64 36.51
N ARG A 243 10.23 7.76 37.68
CA ARG A 243 10.92 7.37 38.90
C ARG A 243 11.20 5.89 38.89
N MET A 244 10.28 5.11 38.34
CA MET A 244 10.46 3.66 38.28
C MET A 244 11.59 3.32 37.32
N VAL A 245 11.67 4.02 36.20
CA VAL A 245 12.76 3.75 35.26
C VAL A 245 14.10 4.11 35.90
N ALA A 246 14.15 5.24 36.60
CA ALA A 246 15.40 5.66 37.23
C ALA A 246 15.82 4.67 38.30
N LEU A 247 14.87 4.15 39.08
CA LEU A 247 15.23 3.13 40.06
C LEU A 247 15.82 1.91 39.35
N SER A 248 15.16 1.48 38.27
CA SER A 248 15.56 0.25 37.62
C SER A 248 16.95 0.36 37.01
N THR A 249 17.30 1.54 36.51
CA THR A 249 18.53 1.68 35.74
C THR A 249 19.77 1.58 36.64
N SER A 250 19.70 2.19 37.82
CA SER A 250 20.86 2.23 38.71
C SER A 250 21.26 0.84 39.19
N ARG A 251 20.30 -0.01 39.53
CA ARG A 251 20.62 -1.32 40.09
C ARG A 251 21.16 -2.26 39.04
N LEU A 252 20.73 -2.11 37.80
CA LEU A 252 21.17 -3.02 36.76
C LEU A 252 22.66 -2.81 36.47
N PRO A 253 23.35 -3.85 36.04
CA PRO A 253 24.76 -3.71 35.69
C PRO A 253 24.97 -2.92 34.42
N LYS A 254 26.23 -2.50 34.22
CA LYS A 254 26.59 -1.58 33.15
C LYS A 254 27.09 -2.28 31.91
N ASP A 255 27.25 -3.58 31.94
CA ASP A 255 27.87 -4.31 30.84
C ASP A 255 26.86 -4.89 29.89
N LYS A 256 25.57 -4.67 30.14
CA LYS A 256 24.52 -5.32 29.38
C LYS A 256 23.43 -4.30 29.08
N PRO A 257 22.70 -4.49 27.99
CA PRO A 257 21.68 -3.51 27.61
C PRO A 257 20.44 -3.52 28.50
N ARG A 258 19.84 -2.36 28.62
CA ARG A 258 18.53 -2.19 29.21
C ARG A 258 17.52 -2.27 28.09
N TYR A 259 16.24 -2.28 28.42
CA TYR A 259 15.24 -2.45 27.38
C TYR A 259 13.87 -2.09 27.93
N LEU A 260 13.25 -1.07 27.37
CA LEU A 260 12.02 -0.49 27.87
C LEU A 260 10.91 -0.76 26.87
N MET A 261 9.84 -1.42 27.32
CA MET A 261 8.90 -2.07 26.42
C MET A 261 7.61 -1.27 26.37
N GLY A 262 7.26 -0.84 25.17
CA GLY A 262 6.00 -0.15 24.93
C GLY A 262 5.99 1.34 25.13
N VAL A 263 7.09 2.04 24.85
CA VAL A 263 7.13 3.50 24.83
C VAL A 263 7.52 3.94 23.43
N GLY A 264 6.79 4.91 22.88
CA GLY A 264 6.93 5.19 21.46
C GLY A 264 6.91 6.64 21.02
N TYR A 265 6.46 7.54 21.89
CA TYR A 265 6.40 8.95 21.57
C TYR A 265 7.79 9.58 21.68
N ALA A 266 7.94 10.77 21.10
CA ALA A 266 9.26 11.34 20.90
C ALA A 266 9.84 11.84 22.21
N THR A 267 9.03 12.53 23.00
CA THR A 267 9.51 13.12 24.24
C THR A 267 9.97 12.01 25.17
N ASP A 268 9.22 10.92 25.19
CA ASP A 268 9.55 9.80 26.06
C ASP A 268 10.89 9.23 25.64
N LEU A 269 11.11 9.06 24.34
CA LEU A 269 12.36 8.47 23.87
C LEU A 269 13.53 9.31 24.34
N VAL A 270 13.45 10.62 24.17
CA VAL A 270 14.60 11.45 24.49
C VAL A 270 14.85 11.44 26.01
N VAL A 271 13.80 11.65 26.81
CA VAL A 271 13.98 11.67 28.25
C VAL A 271 14.58 10.35 28.73
N CYS A 272 14.08 9.24 28.20
CA CYS A 272 14.56 7.99 28.72
C CYS A 272 15.96 7.71 28.22
N VAL A 273 16.35 8.27 27.08
CA VAL A 273 17.74 8.10 26.66
C VAL A 273 18.63 8.79 27.68
N ALA A 274 18.19 9.95 28.14
CA ALA A 274 18.97 10.68 29.13
C ALA A 274 19.05 9.89 30.42
N LEU A 275 18.13 8.96 30.65
CA LEU A 275 18.11 8.19 31.90
C LEU A 275 18.72 6.81 31.77
N GLY A 276 19.17 6.40 30.58
CA GLY A 276 20.07 5.28 30.47
C GLY A 276 19.55 4.05 29.77
N CYS A 277 18.42 4.15 29.06
CA CYS A 277 17.83 3.08 28.27
C CYS A 277 18.60 2.85 26.96
N ASP A 278 18.29 1.74 26.29
CA ASP A 278 18.98 1.38 25.06
C ASP A 278 18.08 0.94 23.92
N MET A 279 16.89 0.39 24.18
CA MET A 279 16.06 -0.18 23.12
C MET A 279 14.60 0.19 23.38
N PHE A 280 13.81 0.28 22.30
CA PHE A 280 12.40 0.64 22.45
C PHE A 280 11.51 -0.14 21.48
N ASP A 281 10.20 -0.20 21.76
CA ASP A 281 9.22 -0.90 20.93
C ASP A 281 7.86 -0.22 21.08
N CYS A 282 7.11 -0.14 19.99
CA CYS A 282 5.76 0.42 20.02
C CYS A 282 5.07 0.16 18.69
N VAL A 283 3.73 0.28 18.68
CA VAL A 283 2.94 0.12 17.46
C VAL A 283 2.31 1.43 17.01
N PHE A 284 2.58 2.53 17.70
CA PHE A 284 1.98 3.82 17.39
C PHE A 284 2.16 4.28 15.95
N PRO A 285 3.37 4.36 15.39
CA PRO A 285 3.50 4.97 14.06
C PRO A 285 2.81 4.25 12.93
N THR A 286 3.00 2.94 12.81
CA THR A 286 2.33 2.17 11.77
C THR A 286 0.83 2.24 11.90
N ARG A 287 0.29 2.00 13.08
CA ARG A 287 -1.15 1.96 13.17
C ARG A 287 -1.74 3.33 12.92
N THR A 288 -1.12 4.39 13.46
CA THR A 288 -1.66 5.72 13.29
C THR A 288 -1.53 6.19 11.85
N ALA A 289 -0.67 5.55 11.05
CA ALA A 289 -0.62 5.89 9.64
C ALA A 289 -1.90 5.49 8.93
N ARG A 290 -2.42 4.30 9.23
CA ARG A 290 -3.58 3.79 8.54
C ARG A 290 -4.85 4.48 8.96
N PHE A 291 -4.80 5.38 9.92
CA PHE A 291 -5.96 6.19 10.24
C PHE A 291 -5.85 7.57 9.61
N GLY A 292 -4.80 7.82 8.82
CA GLY A 292 -4.56 9.08 8.15
C GLY A 292 -3.98 10.19 9.02
N SER A 293 -2.74 10.02 9.52
CA SER A 293 -2.05 11.08 10.25
C SER A 293 -0.55 10.93 10.08
N ALA A 294 0.18 12.05 10.03
CA ALA A 294 1.61 12.04 9.77
C ALA A 294 2.37 12.76 10.87
N LEU A 295 3.66 12.45 10.99
CA LEU A 295 4.53 12.86 12.08
C LEU A 295 5.58 13.87 11.66
N VAL A 296 5.79 14.91 12.48
CA VAL A 296 6.56 16.08 12.06
C VAL A 296 7.30 16.66 13.26
N PRO A 297 8.37 17.43 13.06
CA PRO A 297 9.05 18.10 14.17
C PRO A 297 8.21 18.93 15.12
N THR A 298 6.94 19.12 14.83
CA THR A 298 6.11 19.95 15.70
C THR A 298 4.90 19.18 16.22
N GLY A 299 4.85 17.88 16.00
CA GLY A 299 3.69 17.11 16.37
C GLY A 299 3.21 16.16 15.30
N ASN A 300 2.01 16.44 14.78
CA ASN A 300 1.44 15.63 13.71
C ASN A 300 0.48 16.47 12.88
N LEU A 301 0.15 15.94 11.72
CA LEU A 301 -0.83 16.50 10.79
C LEU A 301 -1.89 15.46 10.50
N GLN A 302 -3.13 15.90 10.37
CA GLN A 302 -4.24 15.01 10.02
C GLN A 302 -4.70 15.32 8.61
N LEU A 303 -4.26 14.51 7.64
CA LEU A 303 -4.45 14.88 6.25
C LEU A 303 -5.82 14.47 5.74
N ARG A 304 -6.86 14.86 6.47
CA ARG A 304 -8.23 14.76 6.01
C ARG A 304 -9.02 16.01 6.26
N LYS A 305 -8.49 16.95 7.03
CA LYS A 305 -9.15 18.22 7.23
C LYS A 305 -9.20 19.00 5.93
N LYS A 306 -9.96 20.08 5.94
CA LYS A 306 -10.11 20.91 4.77
C LYS A 306 -8.97 21.90 4.62
N VAL A 307 -8.18 22.09 5.68
CA VAL A 307 -7.12 23.09 5.66
C VAL A 307 -5.96 22.67 4.78
N PHE A 308 -5.84 21.39 4.47
CA PHE A 308 -4.75 20.90 3.63
C PHE A 308 -5.18 20.71 2.20
N GLU A 309 -6.28 21.32 1.79
CA GLU A 309 -6.84 21.05 0.48
C GLU A 309 -6.09 21.79 -0.63
N LYS A 310 -5.66 23.02 -0.36
CA LYS A 310 -4.87 23.83 -1.31
C LYS A 310 -3.59 24.24 -0.61
N ASP A 311 -2.64 23.32 -0.54
CA ASP A 311 -1.40 23.55 0.19
C ASP A 311 -0.29 22.86 -0.58
N PHE A 312 0.46 23.61 -1.38
CA PHE A 312 1.24 23.01 -2.44
C PHE A 312 2.65 22.66 -2.02
N GLY A 313 2.99 22.84 -0.74
CA GLY A 313 4.31 22.51 -0.26
C GLY A 313 4.44 21.04 0.08
N PRO A 314 5.62 20.68 0.56
CA PRO A 314 5.86 19.30 1.00
C PRO A 314 5.34 19.05 2.40
N ILE A 315 5.41 17.79 2.82
CA ILE A 315 5.09 17.42 4.20
C ILE A 315 6.02 18.14 5.17
N ASP A 316 7.32 18.03 4.94
CA ASP A 316 8.38 18.63 5.73
C ASP A 316 9.53 18.99 4.81
N PRO A 317 9.92 20.27 4.73
CA PRO A 317 11.00 20.66 3.82
C PRO A 317 12.31 19.94 4.08
N GLU A 318 12.62 19.62 5.34
CA GLU A 318 13.92 19.07 5.68
C GLU A 318 13.95 17.55 5.69
N CYS A 319 12.81 16.89 5.51
CA CYS A 319 12.74 15.44 5.51
C CYS A 319 13.49 14.90 4.30
N THR A 320 13.62 13.59 4.24
CA THR A 320 14.20 13.04 3.02
C THR A 320 13.50 11.78 2.52
N CYS A 321 12.31 11.48 3.01
CA CYS A 321 11.66 10.23 2.65
C CYS A 321 11.21 10.31 1.19
N PRO A 322 11.03 9.18 0.52
CA PRO A 322 10.40 9.20 -0.82
C PRO A 322 9.13 10.03 -0.94
N THR A 323 8.33 10.18 0.11
CA THR A 323 7.08 10.91 -0.01
C THR A 323 7.30 12.42 -0.02
N CYS A 324 8.29 12.91 0.71
CA CYS A 324 8.50 14.33 0.89
C CYS A 324 9.29 14.95 -0.22
N GLN A 325 9.32 14.31 -1.39
CA GLN A 325 10.10 14.79 -2.51
C GLN A 325 9.33 14.83 -3.82
N LYS A 326 8.24 14.08 -3.95
CA LYS A 326 7.41 14.03 -5.14
C LYS A 326 6.08 14.71 -4.93
N HIS A 327 5.42 14.45 -3.82
CA HIS A 327 4.00 14.75 -3.69
C HIS A 327 3.80 15.84 -2.66
N SER A 328 2.71 16.58 -2.83
CA SER A 328 2.42 17.71 -1.98
C SER A 328 1.33 17.31 -1.00
N ARG A 329 0.90 18.26 -0.17
CA ARG A 329 -0.14 17.92 0.78
C ARG A 329 -1.49 17.84 0.10
N ALA A 330 -1.75 18.73 -0.86
CA ALA A 330 -3.03 18.75 -1.56
C ALA A 330 -3.34 17.42 -2.22
N PHE A 331 -2.34 16.80 -2.86
CA PHE A 331 -2.57 15.55 -3.55
C PHE A 331 -2.90 14.43 -2.59
N LEU A 332 -2.19 14.34 -1.47
CA LEU A 332 -2.48 13.28 -0.51
C LEU A 332 -3.86 13.47 0.06
N HIS A 333 -4.23 14.70 0.38
CA HIS A 333 -5.59 14.95 0.85
C HIS A 333 -6.59 14.40 -0.14
N ALA A 334 -6.44 14.75 -1.42
CA ALA A 334 -7.44 14.37 -2.40
C ALA A 334 -7.48 12.86 -2.62
N LEU A 335 -6.32 12.21 -2.56
CA LEU A 335 -6.24 10.77 -2.78
C LEU A 335 -6.82 9.97 -1.62
N LEU A 336 -6.73 10.48 -0.39
CA LEU A 336 -7.27 9.75 0.74
C LEU A 336 -8.78 9.64 0.74
N HIS A 337 -9.47 10.44 -0.07
N HIS A 337 -9.45 10.44 -0.10
CA HIS A 337 -10.93 10.49 -0.07
CA HIS A 337 -10.90 10.54 -0.10
C HIS A 337 -11.55 9.51 -1.05
C HIS A 337 -11.55 9.52 -1.03
N SER A 338 -10.77 8.71 -1.73
CA SER A 338 -11.30 7.71 -2.64
C SER A 338 -11.27 6.35 -1.96
N ASP A 339 -11.50 5.30 -2.74
CA ASP A 339 -11.42 3.94 -2.26
C ASP A 339 -10.05 3.31 -2.50
N ASN A 340 -9.14 4.04 -3.13
CA ASN A 340 -7.83 3.51 -3.45
C ASN A 340 -6.99 3.47 -2.17
N THR A 341 -6.40 2.32 -1.89
CA THR A 341 -5.64 2.14 -0.65
C THR A 341 -4.19 2.55 -0.77
N ALA A 342 -3.75 2.99 -1.95
CA ALA A 342 -2.37 3.36 -2.13
C ALA A 342 -2.01 4.56 -1.29
N ALA A 343 -3.01 5.32 -0.86
CA ALA A 343 -2.78 6.51 -0.05
C ALA A 343 -2.37 6.15 1.36
N LEU A 344 -2.60 4.92 1.78
CA LEU A 344 -2.17 4.43 3.08
C LEU A 344 -0.77 3.84 3.07
N HIS A 345 -0.14 3.74 1.90
CA HIS A 345 1.23 3.27 1.83
C HIS A 345 2.22 4.40 1.69
N HIS A 346 1.76 5.65 1.73
CA HIS A 346 2.61 6.83 1.74
C HIS A 346 2.95 7.32 3.14
N LEU A 347 1.90 7.53 3.94
CA LEU A 347 2.02 7.81 5.37
C LEU A 347 2.91 6.82 6.14
N THR A 348 2.80 5.54 5.86
CA THR A 348 3.61 4.55 6.57
C THR A 348 5.11 4.79 6.36
N VAL A 349 5.50 5.02 5.11
CA VAL A 349 6.91 5.26 4.81
C VAL A 349 7.41 6.48 5.54
N HIS A 350 6.63 7.58 5.50
CA HIS A 350 7.06 8.80 6.16
C HIS A 350 7.24 8.59 7.65
N ASN A 351 6.31 7.89 8.30
CA ASN A 351 6.39 7.79 9.76
C ASN A 351 7.58 6.95 10.18
N ILE A 352 7.85 5.85 9.48
CA ILE A 352 9.02 5.07 9.85
C ILE A 352 10.31 5.86 9.62
N ALA A 353 10.42 6.58 8.49
CA ALA A 353 11.63 7.36 8.26
C ALA A 353 11.79 8.37 9.37
N TYR A 354 10.68 9.01 9.76
CA TYR A 354 10.74 10.05 10.76
C TYR A 354 11.38 9.49 12.00
N GLN A 355 10.90 8.32 12.43
CA GLN A 355 11.34 7.76 13.70
C GLN A 355 12.83 7.43 13.62
N LEU A 356 13.28 6.90 12.49
CA LEU A 356 14.67 6.44 12.39
C LEU A 356 15.63 7.63 12.45
N GLN A 357 15.29 8.75 11.82
CA GLN A 357 16.22 9.88 11.77
C GLN A 357 16.53 10.43 13.16
N LEU A 358 15.51 10.54 14.01
CA LEU A 358 15.66 11.17 15.33
C LEU A 358 16.69 10.45 16.19
N MET A 359 16.63 9.12 16.24
CA MET A 359 17.59 8.35 17.04
C MET A 359 19.01 8.59 16.54
N SER A 360 19.21 8.55 15.23
CA SER A 360 20.53 8.77 14.66
C SER A 360 21.05 10.15 15.04
N ALA A 361 20.19 11.17 14.97
CA ALA A 361 20.62 12.52 15.32
C ALA A 361 21.09 12.56 16.77
N VAL A 362 20.33 11.96 17.68
CA VAL A 362 20.68 12.01 19.10
C VAL A 362 22.02 11.30 19.33
N ARG A 363 22.21 10.15 18.69
CA ARG A 363 23.44 9.38 18.88
C ARG A 363 24.65 10.18 18.42
N THR A 364 24.58 10.77 17.23
CA THR A 364 25.71 11.56 16.76
C THR A 364 25.92 12.76 17.67
N SER A 365 24.84 13.33 18.19
CA SER A 365 24.98 14.46 19.12
C SER A 365 25.82 14.06 20.32
N ILE A 366 25.65 12.83 20.80
CA ILE A 366 26.34 12.46 22.02
C ILE A 366 27.78 12.03 21.72
N VAL A 367 28.04 11.43 20.55
CA VAL A 367 29.38 10.92 20.23
C VAL A 367 30.38 12.07 20.19
N GLU A 368 30.03 13.18 19.56
CA GLU A 368 30.91 14.32 19.44
C GLU A 368 30.80 15.29 20.62
N LYS A 369 30.27 14.82 21.76
CA LYS A 369 30.30 15.56 23.02
C LYS A 369 29.53 16.88 22.96
N ARG A 370 28.27 16.80 22.55
CA ARG A 370 27.42 17.98 22.52
C ARG A 370 25.99 17.70 22.98
N PHE A 371 25.74 16.55 23.61
CA PHE A 371 24.38 16.07 23.88
C PHE A 371 23.54 17.07 24.65
N PRO A 372 24.02 17.70 25.73
CA PRO A 372 23.16 18.64 26.47
C PRO A 372 22.64 19.79 25.63
N ASP A 373 23.21 20.06 24.47
CA ASP A 373 22.70 21.17 23.66
C ASP A 373 21.79 20.68 22.56
N PHE A 374 21.77 19.39 22.27
CA PHE A 374 20.75 18.81 21.41
C PHE A 374 19.37 18.96 22.05
N VAL A 375 19.27 18.76 23.36
CA VAL A 375 17.99 18.70 24.05
C VAL A 375 17.31 20.05 24.04
N ARG A 376 18.09 21.11 24.23
CA ARG A 376 17.54 22.45 24.29
C ARG A 376 16.91 22.78 22.95
N ASP A 377 17.61 22.44 21.87
CA ASP A 377 17.09 22.73 20.54
C ASP A 377 15.83 21.93 20.28
N PHE A 378 15.81 20.64 20.68
CA PHE A 378 14.65 19.81 20.41
C PHE A 378 13.43 20.30 21.18
N MET A 379 13.59 20.64 22.45
CA MET A 379 12.48 21.19 23.22
C MET A 379 12.02 22.50 22.60
N GLY A 380 12.95 23.36 22.22
CA GLY A 380 12.59 24.60 21.57
C GLY A 380 11.74 24.38 20.33
N ALA A 381 12.13 23.42 19.51
CA ALA A 381 11.37 23.17 18.29
C ALA A 381 9.98 22.65 18.63
N MET A 382 9.89 21.67 19.53
CA MET A 382 8.63 20.97 19.75
C MET A 382 7.62 21.87 20.45
N TYR A 383 8.02 22.54 21.52
CA TYR A 383 7.10 23.31 22.33
C TYR A 383 7.30 24.80 22.21
N GLY A 384 8.24 25.25 21.38
CA GLY A 384 8.48 26.67 21.24
C GLY A 384 9.37 27.21 22.33
N ASP A 385 8.81 27.93 23.28
CA ASP A 385 9.60 28.44 24.39
C ASP A 385 10.00 27.29 25.29
N PRO A 386 11.28 27.08 25.55
CA PRO A 386 11.72 25.95 26.38
C PRO A 386 11.14 25.92 27.79
N THR A 387 10.34 26.92 28.15
CA THR A 387 9.72 26.92 29.47
C THR A 387 8.33 26.29 29.45
N LEU A 388 7.92 25.71 28.32
CA LEU A 388 6.59 25.14 28.18
C LEU A 388 6.62 23.62 27.97
N CYS A 389 7.73 22.97 28.30
CA CYS A 389 7.76 21.52 28.27
C CYS A 389 6.92 20.95 29.41
N PRO A 390 6.47 19.70 29.25
CA PRO A 390 5.76 19.02 30.34
C PRO A 390 6.54 19.06 31.64
N THR A 391 5.85 19.34 32.75
CA THR A 391 6.51 19.41 34.03
C THR A 391 7.12 18.08 34.44
N TRP A 392 6.70 16.99 33.82
CA TRP A 392 7.29 15.72 34.18
C TRP A 392 8.62 15.50 33.48
N ALA A 393 8.96 16.31 32.49
CA ALA A 393 10.24 16.23 31.80
C ALA A 393 11.29 17.12 32.45
N THR A 394 10.89 18.29 32.93
CA THR A 394 11.81 19.15 33.65
C THR A 394 12.40 18.43 34.86
N ASP A 395 11.57 17.74 35.64
CA ASP A 395 12.10 17.08 36.83
C ASP A 395 13.08 15.99 36.45
N ALA A 396 12.74 15.19 35.44
CA ALA A 396 13.59 14.08 35.06
C ALA A 396 14.92 14.59 34.54
N LEU A 397 14.91 15.67 33.76
CA LEU A 397 16.16 16.18 33.21
C LEU A 397 16.99 16.82 34.31
N ALA A 398 16.36 17.67 35.13
CA ALA A 398 17.09 18.40 36.15
C ALA A 398 17.69 17.46 37.18
N SER A 399 17.15 16.25 37.31
CA SER A 399 17.71 15.33 38.29
C SER A 399 19.08 14.83 37.88
N VAL A 400 19.32 14.68 36.57
CA VAL A 400 20.51 14.02 36.07
C VAL A 400 21.60 15.02 35.68
N GLY A 401 21.27 16.29 35.52
CA GLY A 401 22.26 17.32 35.30
C GLY A 401 21.93 18.28 34.18
N ILE A 402 21.11 17.86 33.23
CA ILE A 402 20.79 18.68 32.07
C ILE A 402 19.79 19.75 32.49
N THR A 403 20.19 21.01 32.36
CA THR A 403 19.36 22.12 32.77
C THR A 403 19.08 23.02 31.58
N LEU A 404 17.81 23.26 31.30
CA LEU A 404 17.39 24.10 30.20
C LEU A 404 16.44 25.16 30.72
N GLY A 405 16.49 26.33 30.10
CA GLY A 405 15.78 27.49 30.60
C GLY A 405 16.72 28.45 31.30
N MET B 1 -0.57 14.92 -35.62
CA MET B 1 -0.70 13.46 -35.60
C MET B 1 -0.10 12.83 -36.85
N LYS B 2 0.53 11.67 -36.69
CA LYS B 2 1.14 10.95 -37.80
C LYS B 2 0.92 9.46 -37.60
N LEU B 3 0.24 8.83 -38.55
CA LEU B 3 -0.04 7.39 -38.48
C LEU B 3 0.86 6.64 -39.45
N SER B 4 1.48 5.58 -38.96
CA SER B 4 2.27 4.67 -39.78
C SER B 4 1.57 3.32 -39.85
N LEU B 5 1.68 2.65 -41.00
CA LEU B 5 1.08 1.34 -41.20
C LEU B 5 2.09 0.42 -41.86
N THR B 6 2.85 -0.29 -41.04
CA THR B 6 3.88 -1.19 -41.58
C THR B 6 3.25 -2.32 -42.39
N LYS B 7 2.14 -2.87 -41.90
CA LYS B 7 1.55 -4.04 -42.52
C LYS B 7 0.08 -4.10 -42.16
N VAL B 8 -0.76 -4.37 -43.16
CA VAL B 8 -2.19 -4.55 -42.97
C VAL B 8 -2.58 -5.85 -43.67
N VAL B 9 -2.69 -6.92 -42.89
CA VAL B 9 -2.94 -8.25 -43.43
C VAL B 9 -4.17 -8.80 -42.74
N ASN B 10 -5.11 -9.33 -43.54
CA ASN B 10 -6.27 -10.04 -43.01
C ASN B 10 -7.06 -9.12 -42.07
N GLY B 11 -7.13 -7.85 -42.43
CA GLY B 11 -7.84 -6.87 -41.62
C GLY B 11 -7.26 -6.76 -40.23
N CYS B 12 -5.94 -6.78 -40.12
CA CYS B 12 -5.25 -6.67 -38.83
C CYS B 12 -4.16 -5.61 -38.94
N ARG B 13 -4.51 -4.37 -38.64
CA ARG B 13 -3.63 -3.24 -38.83
C ARG B 13 -2.44 -3.29 -37.87
N LEU B 14 -1.25 -2.96 -38.37
CA LEU B 14 -0.08 -2.85 -37.50
C LEU B 14 0.62 -1.53 -37.78
N GLY B 15 1.07 -0.85 -36.74
CA GLY B 15 1.67 0.46 -36.95
C GLY B 15 2.18 1.14 -35.70
N LYS B 16 2.35 2.46 -35.82
CA LYS B 16 2.88 3.29 -34.75
C LYS B 16 2.66 4.77 -35.02
N ILE B 17 2.19 5.50 -34.03
CA ILE B 17 2.06 6.95 -34.10
C ILE B 17 3.35 7.57 -33.60
N LYS B 18 3.81 8.65 -34.24
CA LYS B 18 5.13 9.17 -33.99
C LYS B 18 5.18 10.63 -33.57
N ASN B 19 4.15 11.41 -33.86
CA ASN B 19 4.15 12.85 -33.55
C ASN B 19 2.96 13.15 -32.65
N LEU B 20 3.15 13.04 -31.34
CA LEU B 20 2.07 13.29 -30.38
C LEU B 20 2.66 13.73 -29.06
N GLY B 21 1.86 14.47 -28.30
CA GLY B 21 2.33 15.00 -27.04
C GLY B 21 2.40 16.50 -27.13
N LYS B 22 3.48 17.08 -26.60
CA LYS B 22 3.65 18.53 -26.65
C LYS B 22 3.85 18.98 -28.09
N THR B 23 4.95 18.55 -28.72
CA THR B 23 5.16 18.78 -30.14
C THR B 23 5.81 17.59 -30.81
N GLY B 24 6.04 16.50 -30.11
CA GLY B 24 6.71 15.34 -30.64
C GLY B 24 7.52 14.66 -29.56
N ASP B 25 8.60 14.00 -30.00
CA ASP B 25 9.51 13.30 -29.10
C ASP B 25 8.82 12.17 -28.36
N HIS B 26 7.75 11.63 -28.93
CA HIS B 26 7.02 10.53 -28.32
C HIS B 26 6.49 9.61 -29.42
N THR B 27 6.52 8.32 -29.15
CA THR B 27 6.03 7.32 -30.08
C THR B 27 5.16 6.31 -29.34
N MET B 28 4.05 5.94 -29.97
CA MET B 28 3.10 5.01 -29.38
C MET B 28 2.81 3.90 -30.38
N ASP B 29 2.84 2.65 -29.92
CA ASP B 29 2.69 1.50 -30.78
C ASP B 29 1.23 1.12 -30.94
N ILE B 30 0.93 0.36 -31.98
CA ILE B 30 -0.45 -0.02 -32.26
C ILE B 30 -0.47 -1.50 -32.62
N PRO B 31 -1.42 -2.26 -32.11
CA PRO B 31 -2.39 -1.94 -31.06
C PRO B 31 -1.80 -2.05 -29.66
N GLY B 32 -2.51 -1.49 -28.67
CA GLY B 32 -1.99 -1.38 -27.33
C GLY B 32 -3.12 -1.17 -26.36
N CYS B 33 -2.76 -1.04 -25.09
CA CYS B 33 -3.69 -0.65 -24.04
C CYS B 33 -3.22 0.63 -23.38
N LEU B 34 -4.02 1.11 -22.45
CA LEU B 34 -3.74 2.31 -21.68
C LEU B 34 -3.74 1.92 -20.21
N LEU B 35 -2.86 2.50 -19.41
CA LEU B 35 -2.85 2.13 -18.00
C LEU B 35 -4.14 2.61 -17.34
N TYR B 36 -4.74 1.77 -16.52
CA TYR B 36 -5.99 2.08 -15.83
C TYR B 36 -5.73 2.66 -14.45
N THR B 37 -6.32 3.81 -14.13
CA THR B 37 -6.08 4.46 -12.85
C THR B 37 -7.39 4.75 -12.13
N LYS B 38 -7.34 4.80 -10.81
CA LYS B 38 -8.41 5.39 -10.01
C LYS B 38 -7.89 6.66 -9.38
N THR B 39 -8.53 7.78 -9.70
CA THR B 39 -8.24 9.12 -9.18
C THR B 39 -6.73 9.34 -9.02
N GLY B 40 -6.03 9.26 -10.12
CA GLY B 40 -4.61 9.55 -10.05
C GLY B 40 -3.79 8.31 -10.26
N SER B 41 -3.34 7.72 -9.15
CA SER B 41 -2.42 6.60 -9.22
C SER B 41 -3.11 5.33 -9.69
N ALA B 42 -2.30 4.36 -10.09
CA ALA B 42 -2.78 3.01 -10.27
C ALA B 42 -3.32 2.49 -8.95
N PRO B 43 -4.28 1.56 -8.98
CA PRO B 43 -4.90 1.12 -7.73
C PRO B 43 -3.94 0.29 -6.89
N HIS B 44 -3.89 0.57 -5.59
CA HIS B 44 -3.02 -0.09 -4.62
C HIS B 44 -1.53 0.12 -4.85
N LEU B 45 -1.11 0.95 -5.79
CA LEU B 45 0.31 1.15 -6.05
C LEU B 45 0.73 2.60 -5.90
N THR B 46 1.93 2.81 -5.35
CA THR B 46 2.55 4.12 -5.26
C THR B 46 3.74 4.13 -6.21
N HIS B 47 4.36 5.30 -6.39
CA HIS B 47 5.29 5.44 -7.52
C HIS B 47 6.49 4.51 -7.41
N HIS B 48 6.93 4.22 -6.19
CA HIS B 48 8.08 3.34 -5.99
C HIS B 48 7.74 1.94 -6.47
N THR B 49 6.58 1.43 -6.08
CA THR B 49 6.21 0.08 -6.47
C THR B 49 5.76 0.05 -7.92
N LEU B 50 5.20 1.16 -8.40
CA LEU B 50 4.75 1.22 -9.78
C LEU B 50 5.92 1.10 -10.74
N HIS B 51 7.08 1.61 -10.37
CA HIS B 51 8.23 1.50 -11.27
C HIS B 51 8.98 0.18 -11.16
N ASN B 52 8.51 -0.75 -10.35
CA ASN B 52 9.02 -2.12 -10.36
C ASN B 52 8.32 -2.99 -11.39
N ILE B 53 7.34 -2.44 -12.08
CA ILE B 53 6.57 -3.17 -13.08
C ILE B 53 7.24 -2.95 -14.42
N HIS B 54 7.53 -4.03 -15.14
CA HIS B 54 8.13 -3.90 -16.46
C HIS B 54 7.07 -3.55 -17.48
N GLY B 55 7.44 -2.70 -18.43
CA GLY B 55 6.63 -2.52 -19.63
C GLY B 55 5.33 -1.79 -19.40
N VAL B 56 5.32 -0.83 -18.49
CA VAL B 56 4.19 0.08 -18.35
C VAL B 56 4.08 0.94 -19.61
N PRO B 57 2.90 1.09 -20.20
CA PRO B 57 2.76 1.90 -21.41
C PRO B 57 2.87 3.38 -21.11
N ALA B 58 2.92 4.16 -22.17
CA ALA B 58 3.29 5.57 -22.11
C ALA B 58 2.10 6.51 -21.94
N MET B 59 0.87 6.03 -22.04
CA MET B 59 -0.30 6.88 -21.88
C MET B 59 -1.27 6.26 -20.90
N ALA B 60 -1.87 7.08 -20.06
CA ALA B 60 -2.71 6.62 -18.98
C ALA B 60 -4.15 6.94 -19.32
N GLN B 61 -5.04 6.78 -18.35
CA GLN B 61 -6.46 6.98 -18.63
C GLN B 61 -7.17 7.52 -17.39
N LEU B 62 -7.48 8.79 -17.40
CA LEU B 62 -8.22 9.40 -16.32
C LEU B 62 -9.70 9.17 -16.57
N THR B 63 -10.52 9.36 -15.55
CA THR B 63 -11.96 9.29 -15.73
C THR B 63 -12.58 10.55 -15.19
N LEU B 64 -13.44 11.16 -15.98
CA LEU B 64 -14.06 12.42 -15.56
C LEU B 64 -14.89 12.20 -14.30
N SER B 65 -15.45 11.00 -14.11
CA SER B 65 -16.28 10.74 -12.94
C SER B 65 -15.49 10.91 -11.65
N SER B 66 -14.25 10.40 -11.61
CA SER B 66 -13.43 10.44 -10.40
C SER B 66 -12.82 11.81 -10.15
N LEU B 67 -12.43 12.55 -11.18
CA LEU B 67 -11.74 13.82 -11.00
C LEU B 67 -12.66 15.04 -11.08
N ALA B 68 -13.96 14.85 -11.33
CA ALA B 68 -14.82 16.00 -11.56
C ALA B 68 -15.04 16.77 -10.27
N GLU B 69 -14.95 16.09 -9.14
CA GLU B 69 -15.18 16.72 -7.84
C GLU B 69 -14.13 17.77 -7.53
N HIS B 70 -12.86 17.44 -7.76
CA HIS B 70 -11.76 18.36 -7.43
C HIS B 70 -11.47 19.22 -8.65
N HIS B 71 -12.35 20.18 -8.87
CA HIS B 71 -12.27 21.04 -10.04
C HIS B 71 -11.81 22.45 -9.68
N GLU B 72 -12.10 22.92 -8.48
CA GLU B 72 -11.81 24.29 -8.11
C GLU B 72 -10.38 24.43 -7.61
N VAL B 73 -9.64 23.34 -7.61
CA VAL B 73 -8.26 23.31 -7.16
C VAL B 73 -7.29 23.41 -8.32
N LEU B 74 -7.59 22.70 -9.40
CA LEU B 74 -6.69 22.63 -10.55
C LEU B 74 -6.58 23.98 -11.24
N THR B 75 -7.60 24.83 -11.13
CA THR B 75 -7.49 26.16 -11.67
C THR B 75 -6.50 26.99 -10.85
N GLU B 76 -6.46 26.76 -9.54
CA GLU B 76 -5.52 27.50 -8.71
C GLU B 76 -4.11 27.04 -8.96
N TYR B 77 -3.93 25.75 -9.23
CA TYR B 77 -2.61 25.20 -9.46
C TYR B 77 -2.01 25.76 -10.74
N LYS B 78 -2.85 25.93 -11.77
CA LYS B 78 -2.57 26.63 -13.01
C LYS B 78 -1.67 25.89 -13.98
N GLU B 79 -1.19 24.69 -13.66
CA GLU B 79 -0.11 24.11 -14.43
C GLU B 79 -0.40 22.69 -14.87
N GLY B 80 -1.64 22.37 -15.15
CA GLY B 80 -1.90 21.06 -15.72
C GLY B 80 -2.13 20.02 -14.66
N VAL B 81 -2.23 18.77 -15.11
CA VAL B 81 -2.60 17.68 -14.23
C VAL B 81 -1.53 16.62 -14.14
N GLY B 82 -0.61 16.54 -15.09
CA GLY B 82 0.53 15.65 -14.94
C GLY B 82 1.49 16.13 -13.88
N LYS B 83 1.44 17.43 -13.57
CA LYS B 83 2.27 18.01 -12.53
C LYS B 83 1.59 18.02 -11.17
N PHE B 84 0.26 18.00 -11.14
CA PHE B 84 -0.42 17.99 -9.86
C PHE B 84 -0.33 16.61 -9.23
N ILE B 85 -0.51 15.55 -10.04
CA ILE B 85 -0.49 14.19 -9.53
C ILE B 85 0.89 13.59 -9.60
N GLY B 86 1.89 14.35 -9.99
CA GLY B 86 3.26 13.89 -9.94
C GLY B 86 3.53 12.77 -10.91
N MET B 87 3.01 12.88 -12.13
CA MET B 87 3.32 11.96 -13.22
C MET B 87 3.59 12.78 -14.46
N PRO B 88 4.59 13.66 -14.43
CA PRO B 88 4.68 14.70 -15.47
C PRO B 88 5.46 14.27 -16.70
N GLU B 89 5.28 13.04 -17.14
CA GLU B 89 6.09 12.54 -18.24
C GLU B 89 5.30 11.67 -19.20
N SER B 90 4.00 11.54 -19.01
CA SER B 90 3.15 10.70 -19.85
C SER B 90 2.00 11.51 -20.42
N LEU B 91 1.50 11.07 -21.56
CA LEU B 91 0.30 11.64 -22.16
C LEU B 91 -0.90 11.26 -21.29
N LEU B 92 -2.01 11.95 -21.46
CA LEU B 92 -3.19 11.55 -20.73
C LEU B 92 -4.42 11.64 -21.60
N TYR B 93 -5.41 10.80 -21.30
CA TYR B 93 -6.68 10.74 -21.99
C TYR B 93 -7.81 10.73 -20.96
N CYS B 94 -8.78 11.62 -21.10
CA CYS B 94 -9.80 11.79 -20.07
C CYS B 94 -11.13 11.27 -20.58
N SER B 95 -11.43 10.02 -20.29
CA SER B 95 -12.70 9.39 -20.61
C SER B 95 -13.80 9.93 -19.69
N LEU B 96 -15.03 9.50 -19.92
CA LEU B 96 -16.19 10.12 -19.29
C LEU B 96 -16.66 9.36 -18.05
N HIS B 97 -16.83 8.05 -18.14
CA HIS B 97 -17.14 7.22 -16.98
C HIS B 97 -16.46 5.87 -17.12
N ASP B 98 -16.12 5.26 -15.98
CA ASP B 98 -15.28 4.07 -15.92
C ASP B 98 -16.09 2.82 -16.24
N PRO B 99 -15.47 1.84 -16.88
CA PRO B 99 -16.23 0.66 -17.31
C PRO B 99 -16.62 -0.30 -16.21
N VAL B 100 -16.01 -0.21 -15.04
CA VAL B 100 -16.30 -1.20 -14.00
C VAL B 100 -17.65 -0.92 -13.35
N SER B 101 -17.95 0.34 -13.07
CA SER B 101 -19.22 0.70 -12.43
C SER B 101 -20.19 1.26 -13.47
N PRO B 102 -21.18 0.50 -13.91
CA PRO B 102 -22.06 0.99 -14.97
C PRO B 102 -22.94 2.14 -14.49
N CYS B 103 -23.41 2.92 -15.46
CA CYS B 103 -24.28 4.05 -15.20
C CYS B 103 -25.74 3.61 -15.35
N PRO B 104 -26.54 3.69 -14.29
CA PRO B 104 -27.98 3.43 -14.44
C PRO B 104 -28.61 4.35 -15.46
N ALA B 105 -29.56 3.81 -16.21
CA ALA B 105 -30.17 4.53 -17.31
C ALA B 105 -31.36 5.37 -16.85
N GLY B 106 -31.66 6.41 -17.62
CA GLY B 106 -32.88 7.16 -17.46
C GLY B 106 -32.67 8.56 -16.90
N TYR B 107 -31.60 9.22 -17.33
CA TYR B 107 -31.33 10.57 -16.88
C TYR B 107 -30.89 11.53 -17.98
N VAL B 108 -30.58 11.04 -19.18
CA VAL B 108 -30.06 11.90 -20.25
C VAL B 108 -31.21 12.69 -20.85
N THR B 109 -31.02 14.00 -20.97
CA THR B 109 -31.97 14.89 -21.63
C THR B 109 -31.28 15.53 -22.83
N ASN B 110 -31.96 16.50 -23.43
CA ASN B 110 -31.42 17.21 -24.59
C ASN B 110 -30.64 18.45 -24.19
N LYS B 111 -30.15 18.53 -22.95
CA LYS B 111 -29.35 19.67 -22.53
C LYS B 111 -28.06 19.27 -21.81
N SER B 112 -28.05 18.10 -21.17
CA SER B 112 -26.92 17.76 -20.30
C SER B 112 -26.84 16.25 -20.13
N VAL B 113 -25.70 15.80 -19.59
CA VAL B 113 -25.55 14.38 -19.28
C VAL B 113 -25.31 14.25 -17.78
N SER B 114 -25.16 13.02 -17.26
CA SER B 114 -24.89 12.82 -15.85
C SER B 114 -23.75 11.84 -15.62
N VAL B 115 -23.08 11.98 -14.47
CA VAL B 115 -21.96 11.11 -14.11
C VAL B 115 -21.98 10.89 -12.60
N TRP B 116 -21.62 9.68 -12.19
CA TRP B 116 -21.77 9.23 -10.82
C TRP B 116 -20.42 9.29 -10.10
N SER B 117 -20.27 10.25 -9.22
CA SER B 117 -19.08 10.41 -8.41
C SER B 117 -19.34 9.91 -6.99
N VAL B 118 -18.30 10.00 -6.15
CA VAL B 118 -18.39 9.50 -4.78
C VAL B 118 -19.38 10.32 -3.98
N ALA B 119 -19.37 11.63 -4.17
CA ALA B 119 -20.33 12.50 -3.50
C ALA B 119 -21.73 12.41 -4.09
N GLY B 120 -21.92 11.68 -5.18
CA GLY B 120 -23.28 11.46 -5.67
C GLY B 120 -23.41 11.54 -7.18
N ARG B 121 -24.47 12.16 -7.69
CA ARG B 121 -24.66 12.30 -9.13
C ARG B 121 -24.55 13.77 -9.53
N VAL B 122 -23.79 14.05 -10.58
CA VAL B 122 -23.66 15.42 -11.05
C VAL B 122 -23.88 15.45 -12.56
N GLU B 123 -24.67 16.42 -13.02
CA GLU B 123 -24.99 16.56 -14.43
C GLU B 123 -24.27 17.77 -15.01
N MET B 124 -23.91 17.67 -16.28
CA MET B 124 -23.08 18.70 -16.88
C MET B 124 -23.57 19.08 -18.26
N THR B 125 -23.61 20.39 -18.52
CA THR B 125 -23.94 20.94 -19.81
C THR B 125 -22.65 21.13 -20.62
N VAL B 126 -22.72 21.87 -21.72
CA VAL B 126 -21.57 22.01 -22.60
C VAL B 126 -20.51 22.94 -22.01
N SER B 127 -20.95 24.06 -21.44
CA SER B 127 -20.02 25.05 -20.89
C SER B 127 -19.16 24.47 -19.78
N LYS B 128 -19.79 23.76 -18.84
CA LYS B 128 -19.04 23.18 -17.74
C LYS B 128 -17.97 22.23 -18.25
N PHE B 129 -18.34 21.39 -19.21
CA PHE B 129 -17.42 20.39 -19.74
C PHE B 129 -16.22 21.06 -20.40
N MET B 130 -16.45 22.11 -21.17
CA MET B 130 -15.33 22.79 -21.81
C MET B 130 -14.44 23.49 -20.78
N ALA B 131 -15.06 24.05 -19.72
CA ALA B 131 -14.26 24.72 -18.69
C ALA B 131 -13.34 23.72 -17.99
N ILE B 132 -13.87 22.55 -17.65
CA ILE B 132 -13.06 21.53 -16.98
C ILE B 132 -11.94 21.08 -17.89
N GLN B 133 -12.23 20.87 -19.17
CA GLN B 133 -11.16 20.44 -20.08
C GLN B 133 -10.07 21.49 -20.17
N LYS B 134 -10.45 22.77 -20.18
CA LYS B 134 -9.44 23.82 -20.22
C LYS B 134 -8.56 23.77 -18.97
N ALA B 135 -9.17 23.55 -17.81
CA ALA B 135 -8.40 23.54 -16.57
C ALA B 135 -7.45 22.35 -16.50
N LEU B 136 -7.91 21.17 -16.92
CA LEU B 136 -7.10 19.97 -16.78
C LEU B 136 -5.95 19.91 -17.79
N GLN B 137 -6.18 20.39 -18.99
CA GLN B 137 -5.21 20.40 -20.09
C GLN B 137 -4.71 19.00 -20.41
N PRO B 138 -5.58 18.08 -20.77
CA PRO B 138 -5.14 16.75 -21.19
C PRO B 138 -4.89 16.76 -22.68
N ASP B 139 -4.13 15.76 -23.14
CA ASP B 139 -3.84 15.69 -24.56
C ASP B 139 -5.11 15.41 -25.36
N TRP B 140 -5.90 14.44 -24.93
CA TRP B 140 -7.11 14.01 -25.63
C TRP B 140 -8.30 14.18 -24.71
N PHE B 141 -9.49 14.31 -25.29
CA PHE B 141 -10.69 14.22 -24.47
C PHE B 141 -11.91 13.88 -25.32
N GLN B 142 -12.62 12.83 -24.91
CA GLN B 142 -13.83 12.39 -25.58
C GLN B 142 -14.97 13.37 -25.33
N CYS B 143 -15.67 13.73 -26.40
CA CYS B 143 -16.70 14.77 -26.31
C CYS B 143 -17.90 14.27 -25.52
N LEU B 144 -18.75 15.22 -25.15
CA LEU B 144 -19.95 14.92 -24.39
C LEU B 144 -20.98 14.27 -25.30
N SER B 145 -21.42 13.06 -24.94
CA SER B 145 -22.26 12.26 -25.82
C SER B 145 -23.47 11.67 -25.12
N ASP B 146 -24.22 10.83 -25.85
CA ASP B 146 -25.43 10.19 -25.36
C ASP B 146 -25.36 8.72 -25.69
N GLY B 147 -25.33 7.88 -24.66
CA GLY B 147 -25.22 6.44 -24.80
C GLY B 147 -26.03 5.65 -23.80
N GLU B 148 -27.26 6.10 -23.53
CA GLU B 148 -28.13 5.49 -22.54
C GLU B 148 -28.90 4.29 -23.09
N VAL B 149 -28.76 3.99 -24.38
CA VAL B 149 -29.59 2.97 -25.02
C VAL B 149 -29.05 1.57 -24.83
N SER B 150 -27.79 1.43 -24.37
CA SER B 150 -27.19 0.11 -24.22
C SER B 150 -27.86 -0.69 -23.12
N CYS B 151 -28.51 -0.02 -22.17
CA CYS B 151 -29.10 -0.69 -21.02
C CYS B 151 -30.36 -1.45 -21.43
N LYS B 152 -31.18 -0.85 -22.29
CA LYS B 152 -32.50 -1.40 -22.57
C LYS B 152 -32.42 -2.74 -23.29
N GLU B 153 -31.52 -2.85 -24.27
CA GLU B 153 -31.35 -4.04 -25.10
C GLU B 153 -32.53 -4.23 -26.05
N ALA B 154 -33.57 -3.40 -25.90
CA ALA B 154 -34.74 -3.45 -26.75
C ALA B 154 -35.60 -2.21 -26.53
N THR B 155 -35.89 -1.47 -27.60
CA THR B 155 -36.68 -0.26 -27.50
C THR B 155 -37.10 0.19 -28.89
N SER B 156 -37.99 1.18 -28.91
CA SER B 156 -38.52 1.72 -30.16
C SER B 156 -37.45 2.52 -30.91
N ILE B 157 -37.68 2.69 -32.20
CA ILE B 157 -36.71 3.37 -33.06
C ILE B 157 -36.64 4.84 -32.72
N LYS B 158 -37.70 5.39 -32.12
CA LYS B 158 -37.76 6.82 -31.84
C LYS B 158 -36.66 7.21 -30.85
N ARG B 159 -36.46 6.39 -29.83
CA ARG B 159 -35.42 6.69 -28.84
C ARG B 159 -34.04 6.68 -29.49
N VAL B 160 -33.79 5.71 -30.37
CA VAL B 160 -32.48 5.58 -31.00
C VAL B 160 -32.21 6.77 -31.91
N ARG B 161 -33.20 7.16 -32.70
CA ARG B 161 -33.03 8.31 -33.57
C ARG B 161 -32.78 9.57 -32.74
N LYS B 162 -33.52 9.72 -31.65
CA LYS B 162 -33.32 10.87 -30.78
C LYS B 162 -31.90 10.89 -30.25
N SER B 163 -31.36 9.73 -29.89
CA SER B 163 -30.00 9.65 -29.36
C SER B 163 -28.99 10.11 -30.41
N VAL B 164 -29.13 9.61 -31.64
CA VAL B 164 -28.16 9.96 -32.68
C VAL B 164 -28.18 11.47 -32.94
N ASP B 165 -29.37 12.05 -33.02
CA ASP B 165 -29.45 13.49 -33.25
C ASP B 165 -28.84 14.26 -32.08
N ARG B 166 -29.10 13.79 -30.86
CA ARG B 166 -28.52 14.46 -29.69
C ARG B 166 -27.01 14.51 -29.81
N SER B 167 -26.41 13.38 -30.14
CA SER B 167 -24.96 13.30 -30.14
C SER B 167 -24.38 14.24 -31.19
N LEU B 168 -25.01 14.30 -32.37
CA LEU B 168 -24.55 15.21 -33.41
C LEU B 168 -24.58 16.66 -32.93
N LEU B 169 -25.68 17.06 -32.30
CA LEU B 169 -25.77 18.44 -31.80
C LEU B 169 -24.63 18.73 -30.85
N PHE B 170 -24.39 17.84 -29.90
CA PHE B 170 -23.35 18.09 -28.90
C PHE B 170 -22.00 18.30 -29.58
N LEU B 171 -21.65 17.40 -30.51
CA LEU B 171 -20.35 17.49 -31.15
C LEU B 171 -20.18 18.84 -31.86
N ASP B 172 -21.18 19.25 -32.63
CA ASP B 172 -21.05 20.51 -33.37
C ASP B 172 -20.84 21.68 -32.42
N ASN B 173 -21.65 21.74 -31.36
CA ASN B 173 -21.59 22.86 -30.44
C ASN B 173 -20.22 22.96 -29.80
N CYS B 174 -19.71 21.84 -29.28
CA CYS B 174 -18.42 21.89 -28.60
C CYS B 174 -17.30 22.22 -29.58
N LEU B 175 -17.38 21.72 -30.82
CA LEU B 175 -16.36 22.06 -31.82
C LEU B 175 -16.22 23.57 -31.96
N ARG B 176 -17.35 24.25 -32.12
CA ARG B 176 -17.32 25.71 -32.25
C ARG B 176 -16.76 26.38 -30.99
N LEU B 177 -17.22 25.95 -29.81
CA LEU B 177 -16.78 26.60 -28.58
C LEU B 177 -15.28 26.45 -28.37
N GLN B 178 -14.73 25.26 -28.64
CA GLN B 178 -13.29 25.05 -28.53
C GLN B 178 -12.53 25.87 -29.57
N GLU B 179 -13.05 25.94 -30.79
CA GLU B 179 -12.40 26.71 -31.84
C GLU B 179 -12.25 28.18 -31.42
N GLU B 180 -13.23 28.72 -30.70
CA GLU B 180 -13.19 30.14 -30.35
C GLU B 180 -11.98 30.51 -29.49
N SER B 181 -11.67 29.70 -28.48
CA SER B 181 -10.73 30.06 -27.42
C SER B 181 -9.27 29.86 -27.81
N GLU B 182 -8.37 29.82 -26.83
CA GLU B 182 -6.92 29.84 -27.06
C GLU B 182 -6.20 28.66 -26.44
N VAL B 183 -6.40 28.38 -25.16
CA VAL B 183 -5.59 27.38 -24.47
C VAL B 183 -5.94 25.99 -24.98
N LEU B 184 -7.23 25.76 -25.27
CA LEU B 184 -7.74 24.46 -25.68
C LEU B 184 -7.18 24.01 -27.02
N GLN B 185 -6.61 24.93 -27.80
CA GLN B 185 -6.31 24.63 -29.18
C GLN B 185 -5.20 23.59 -29.35
N LYS B 186 -4.51 23.21 -28.28
CA LYS B 186 -3.40 22.26 -28.37
C LYS B 186 -3.79 20.88 -27.91
N SER B 187 -5.09 20.60 -27.78
CA SER B 187 -5.60 19.29 -27.38
C SER B 187 -6.56 18.77 -28.45
N VAL B 188 -6.45 17.47 -28.73
CA VAL B 188 -7.22 16.83 -29.80
C VAL B 188 -8.55 16.35 -29.23
N ILE B 189 -9.57 16.34 -30.08
CA ILE B 189 -10.93 15.94 -29.69
C ILE B 189 -11.41 14.81 -30.60
N ILE B 190 -12.06 13.82 -30.01
CA ILE B 190 -12.41 12.57 -30.68
C ILE B 190 -13.93 12.40 -30.72
N GLY B 191 -14.38 11.59 -31.69
CA GLY B 191 -15.78 11.47 -32.04
C GLY B 191 -16.39 10.21 -31.48
N VAL B 192 -17.73 10.18 -31.38
CA VAL B 192 -18.46 9.06 -30.78
C VAL B 192 -19.49 8.52 -31.76
N ILE B 193 -19.66 7.19 -31.77
CA ILE B 193 -20.56 6.53 -32.72
C ILE B 193 -21.48 5.59 -31.95
N GLU B 194 -22.77 5.65 -32.26
CA GLU B 194 -23.74 4.77 -31.61
C GLU B 194 -24.90 4.52 -32.57
N GLY B 195 -25.98 3.94 -32.05
CA GLY B 195 -27.15 3.64 -32.87
C GLY B 195 -27.89 2.39 -32.47
N GLY B 196 -27.43 1.73 -31.41
CA GLY B 196 -28.11 0.56 -30.89
C GLY B 196 -27.75 -0.71 -31.61
N ASP B 197 -28.75 -1.40 -32.15
CA ASP B 197 -28.56 -2.65 -32.88
C ASP B 197 -29.33 -2.61 -34.19
N VAL B 198 -29.17 -1.51 -34.92
CA VAL B 198 -29.76 -1.31 -36.23
C VAL B 198 -28.65 -1.01 -37.23
N MET B 199 -28.68 -1.68 -38.38
CA MET B 199 -27.68 -1.41 -39.40
C MET B 199 -27.80 0.01 -39.91
N GLU B 200 -29.04 0.48 -40.12
CA GLU B 200 -29.27 1.80 -40.67
C GLU B 200 -28.64 2.88 -39.81
N GLU B 201 -28.88 2.84 -38.50
CA GLU B 201 -28.35 3.84 -37.59
C GLU B 201 -26.84 3.72 -37.47
N ARG B 202 -26.33 2.50 -37.40
CA ARG B 202 -24.89 2.28 -37.32
C ARG B 202 -24.19 2.75 -38.58
N LEU B 203 -24.92 2.93 -39.68
CA LEU B 203 -24.30 3.48 -40.87
C LEU B 203 -24.44 5.00 -40.91
N ARG B 204 -25.63 5.51 -40.59
CA ARG B 204 -25.89 6.94 -40.70
C ARG B 204 -25.02 7.72 -39.72
N SER B 205 -24.88 7.22 -38.48
CA SER B 205 -24.04 7.89 -37.50
C SER B 205 -22.62 8.05 -38.02
N ALA B 206 -22.03 6.96 -38.51
CA ALA B 206 -20.66 7.02 -38.99
C ALA B 206 -20.55 7.96 -40.18
N ARG B 207 -21.48 7.88 -41.12
CA ARG B 207 -21.39 8.76 -42.28
C ARG B 207 -21.40 10.22 -41.85
N GLU B 208 -22.29 10.58 -40.93
CA GLU B 208 -22.47 11.97 -40.55
C GLU B 208 -21.34 12.49 -39.66
N THR B 209 -20.68 11.61 -38.91
CA THR B 209 -19.61 12.03 -38.01
C THR B 209 -18.27 12.16 -38.73
N ALA B 210 -18.07 11.45 -39.82
CA ALA B 210 -16.81 11.46 -40.54
C ALA B 210 -16.49 12.81 -41.17
N LYS B 211 -17.47 13.70 -41.30
CA LYS B 211 -17.32 14.94 -42.05
C LYS B 211 -16.94 16.13 -41.15
N ARG B 212 -16.27 15.86 -40.05
CA ARG B 212 -15.80 16.90 -39.14
C ARG B 212 -14.31 16.66 -38.89
N PRO B 213 -13.55 17.70 -38.63
CA PRO B 213 -12.13 17.52 -38.32
C PRO B 213 -11.75 16.97 -36.95
N VAL B 214 -12.59 16.14 -36.33
CA VAL B 214 -12.12 15.38 -35.17
C VAL B 214 -10.92 14.51 -35.56
N GLY B 215 -10.14 14.10 -34.56
CA GLY B 215 -8.93 13.35 -34.80
C GLY B 215 -8.95 11.86 -34.56
N GLY B 216 -10.06 11.27 -34.14
CA GLY B 216 -10.13 9.84 -33.89
C GLY B 216 -11.55 9.48 -33.50
N PHE B 217 -11.82 8.17 -33.43
CA PHE B 217 -13.19 7.73 -33.24
C PHE B 217 -13.33 6.79 -32.05
N LEU B 218 -14.53 6.77 -31.47
CA LEU B 218 -14.92 5.89 -30.38
C LEU B 218 -16.15 5.08 -30.77
N LEU B 219 -16.07 3.76 -30.58
CA LEU B 219 -17.13 2.81 -30.92
C LEU B 219 -17.76 2.33 -29.63
N ASP B 220 -19.02 2.67 -29.42
CA ASP B 220 -19.65 2.62 -28.11
C ASP B 220 -20.82 1.65 -28.13
N GLY B 221 -20.88 0.76 -27.14
CA GLY B 221 -22.02 -0.11 -26.96
C GLY B 221 -21.90 -1.44 -27.69
N PHE B 222 -20.81 -2.16 -27.44
CA PHE B 222 -20.57 -3.46 -28.07
C PHE B 222 -20.18 -4.51 -27.03
N GLN B 223 -20.98 -4.63 -25.96
CA GLN B 223 -20.79 -5.69 -24.98
C GLN B 223 -22.14 -6.32 -24.66
N GLY B 224 -22.10 -7.56 -24.20
CA GLY B 224 -23.32 -8.24 -23.85
C GLY B 224 -23.10 -9.72 -23.57
N ASN B 225 -24.21 -10.45 -23.50
CA ASN B 225 -24.19 -11.87 -23.20
C ASN B 225 -23.60 -12.67 -24.35
N PRO B 226 -22.98 -13.83 -24.06
CA PRO B 226 -22.43 -14.68 -25.13
C PRO B 226 -23.47 -15.33 -26.03
N THR B 227 -24.74 -14.96 -25.88
CA THR B 227 -25.80 -15.53 -26.71
C THR B 227 -26.09 -14.68 -27.94
N THR B 228 -25.43 -13.53 -28.07
CA THR B 228 -25.63 -12.61 -29.18
C THR B 228 -24.29 -12.22 -29.81
N LEU B 229 -23.28 -13.07 -29.68
CA LEU B 229 -21.94 -12.75 -30.17
C LEU B 229 -21.75 -13.19 -31.61
N GLU B 230 -22.74 -12.92 -32.44
CA GLU B 230 -22.58 -12.85 -33.88
C GLU B 230 -23.31 -11.63 -34.44
N ALA B 231 -24.48 -11.34 -33.87
CA ALA B 231 -25.18 -10.10 -34.18
C ALA B 231 -24.48 -8.89 -33.58
N ARG B 232 -23.59 -9.09 -32.63
CA ARG B 232 -22.72 -8.03 -32.11
C ARG B 232 -21.29 -8.15 -32.63
N LEU B 233 -21.11 -8.79 -33.79
CA LEU B 233 -19.79 -8.88 -34.42
C LEU B 233 -19.82 -8.63 -35.91
N ARG B 234 -20.95 -8.85 -36.59
CA ARG B 234 -21.09 -8.49 -38.00
C ARG B 234 -21.32 -6.99 -38.11
N LEU B 235 -22.09 -6.46 -37.15
CA LEU B 235 -22.43 -5.05 -37.13
C LEU B 235 -21.16 -4.21 -37.07
N LEU B 236 -20.17 -4.69 -36.33
CA LEU B 236 -18.92 -3.95 -36.16
C LEU B 236 -18.18 -3.86 -37.48
N SER B 237 -18.11 -4.95 -38.23
CA SER B 237 -17.39 -4.93 -39.51
C SER B 237 -18.13 -4.09 -40.51
N SER B 238 -19.46 -4.02 -40.42
CA SER B 238 -20.22 -3.10 -41.27
C SER B 238 -19.95 -1.65 -40.89
N VAL B 239 -19.80 -1.36 -39.60
CA VAL B 239 -19.59 0.00 -39.13
C VAL B 239 -18.25 0.56 -39.59
N THR B 240 -17.17 -0.19 -39.36
CA THR B 240 -15.83 0.31 -39.67
C THR B 240 -15.59 0.26 -41.18
N ALA B 241 -16.47 0.94 -41.91
CA ALA B 241 -16.37 1.02 -43.35
C ALA B 241 -16.67 2.42 -43.85
N GLU B 242 -17.02 3.35 -42.97
CA GLU B 242 -17.36 4.71 -43.34
C GLU B 242 -16.49 5.72 -42.60
N LEU B 243 -15.32 5.30 -42.15
CA LEU B 243 -14.42 6.13 -41.39
C LEU B 243 -13.09 6.31 -42.13
N PRO B 244 -12.53 7.51 -42.13
CA PRO B 244 -11.23 7.72 -42.76
C PRO B 244 -10.15 6.82 -42.15
N GLU B 245 -9.25 6.35 -43.00
CA GLU B 245 -8.22 5.40 -42.61
C GLU B 245 -6.91 6.09 -42.25
N ASP B 246 -6.97 7.11 -41.39
CA ASP B 246 -5.81 7.86 -40.96
C ASP B 246 -5.88 8.27 -39.50
N LYS B 247 -6.87 7.80 -38.76
CA LYS B 247 -7.07 8.20 -37.38
C LYS B 247 -7.26 6.95 -36.52
N PRO B 248 -6.90 7.02 -35.24
CA PRO B 248 -7.03 5.86 -34.37
C PRO B 248 -8.46 5.47 -34.09
N ARG B 249 -8.66 4.18 -33.78
CA ARG B 249 -9.96 3.66 -33.36
C ARG B 249 -9.90 3.16 -31.93
N LEU B 250 -10.92 3.52 -31.13
CA LEU B 250 -11.00 3.11 -29.74
C LEU B 250 -12.29 2.33 -29.51
N ILE B 251 -12.24 1.35 -28.60
CA ILE B 251 -13.42 0.56 -28.25
C ILE B 251 -13.51 0.43 -26.74
N SER B 252 -14.71 0.62 -26.21
CA SER B 252 -14.94 0.69 -24.78
C SER B 252 -15.78 -0.49 -24.32
N GLY B 253 -15.33 -1.16 -23.25
CA GLY B 253 -16.10 -2.21 -22.64
C GLY B 253 -15.63 -3.60 -22.96
N VAL B 254 -14.63 -3.76 -23.83
CA VAL B 254 -14.12 -5.06 -24.25
C VAL B 254 -12.72 -5.21 -23.70
N SER B 255 -12.55 -6.14 -22.76
CA SER B 255 -11.26 -6.33 -22.13
C SER B 255 -10.92 -7.79 -21.83
N ARG B 256 -11.85 -8.72 -21.96
CA ARG B 256 -11.51 -10.12 -21.81
C ARG B 256 -10.57 -10.58 -22.91
N PRO B 257 -9.63 -11.48 -22.61
CA PRO B 257 -8.65 -11.90 -23.61
C PRO B 257 -9.25 -12.55 -24.83
N ASP B 258 -10.46 -13.08 -24.76
CA ASP B 258 -11.02 -13.85 -25.86
C ASP B 258 -11.81 -12.98 -26.83
N GLU B 259 -12.48 -11.94 -26.34
CA GLU B 259 -13.26 -11.05 -27.20
C GLU B 259 -12.34 -10.08 -27.93
N VAL B 260 -11.19 -9.76 -27.33
CA VAL B 260 -10.27 -8.80 -27.89
C VAL B 260 -9.70 -9.33 -29.20
N LEU B 261 -9.35 -10.61 -29.24
CA LEU B 261 -8.72 -11.15 -30.42
C LEU B 261 -9.66 -11.14 -31.61
N GLU B 262 -10.96 -11.01 -31.39
CA GLU B 262 -11.92 -10.93 -32.48
C GLU B 262 -12.37 -9.51 -32.75
N CYS B 263 -12.25 -8.62 -31.75
CA CYS B 263 -12.56 -7.21 -31.97
C CYS B 263 -11.47 -6.54 -32.78
N ILE B 264 -10.23 -6.97 -32.63
CA ILE B 264 -9.14 -6.45 -33.47
C ILE B 264 -9.36 -6.81 -34.92
N GLU B 265 -10.07 -7.90 -35.21
CA GLU B 265 -10.16 -8.42 -36.57
C GLU B 265 -10.94 -7.48 -37.48
N ARG B 266 -11.89 -6.74 -36.94
CA ARG B 266 -12.66 -5.79 -37.73
C ARG B 266 -11.99 -4.43 -37.82
N GLY B 267 -10.86 -4.25 -37.16
CA GLY B 267 -10.06 -3.03 -37.22
C GLY B 267 -10.26 -2.14 -36.01
N VAL B 268 -9.40 -2.29 -35.02
CA VAL B 268 -9.49 -1.53 -33.77
C VAL B 268 -8.10 -1.42 -33.18
N ASP B 269 -7.81 -0.28 -32.55
CA ASP B 269 -6.45 0.08 -32.17
C ASP B 269 -6.19 0.00 -30.68
N LEU B 270 -7.03 0.60 -29.85
CA LEU B 270 -6.69 0.80 -28.46
C LEU B 270 -7.74 0.19 -27.56
N PHE B 271 -7.31 -0.32 -26.40
CA PHE B 271 -8.19 -1.03 -25.49
C PHE B 271 -8.00 -0.53 -24.06
N GLU B 272 -9.07 -0.67 -23.28
CA GLU B 272 -8.97 -0.48 -21.84
C GLU B 272 -8.26 -1.67 -21.20
N SER B 273 -7.95 -1.54 -19.93
CA SER B 273 -7.15 -2.55 -19.26
C SER B 273 -7.62 -2.74 -17.83
N PHE B 274 -8.93 -2.94 -17.64
CA PHE B 274 -9.49 -3.08 -16.31
C PHE B 274 -9.78 -4.52 -15.91
N PHE B 275 -9.65 -5.47 -16.82
CA PHE B 275 -9.95 -6.86 -16.47
C PHE B 275 -9.02 -7.44 -15.42
N PRO B 276 -7.69 -7.33 -15.53
CA PRO B 276 -6.84 -7.79 -14.41
C PRO B 276 -7.22 -7.22 -13.07
N TYR B 277 -7.77 -6.02 -13.02
CA TYR B 277 -8.23 -5.50 -11.75
C TYR B 277 -9.40 -6.35 -11.22
N GLN B 278 -10.32 -6.75 -12.10
CA GLN B 278 -11.43 -7.57 -11.65
C GLN B 278 -10.94 -8.92 -11.17
N VAL B 279 -9.97 -9.50 -11.87
CA VAL B 279 -9.56 -10.84 -11.49
C VAL B 279 -8.73 -10.79 -10.22
N THR B 280 -8.23 -9.60 -9.88
CA THR B 280 -7.49 -9.45 -8.63
C THR B 280 -8.45 -9.25 -7.47
N GLU B 281 -9.46 -8.41 -7.65
CA GLU B 281 -10.33 -8.04 -6.54
C GLU B 281 -11.11 -9.23 -6.01
N ARG B 282 -11.27 -10.25 -6.83
CA ARG B 282 -12.03 -11.44 -6.48
C ARG B 282 -11.19 -12.45 -5.70
N GLY B 283 -9.89 -12.26 -5.67
CA GLY B 283 -8.98 -13.10 -4.93
C GLY B 283 -8.22 -14.14 -5.73
N CYS B 284 -8.27 -14.07 -7.05
CA CYS B 284 -7.68 -15.10 -7.90
C CYS B 284 -6.36 -14.61 -8.47
N ALA B 285 -5.75 -15.44 -9.29
CA ALA B 285 -4.50 -15.03 -9.93
C ALA B 285 -4.41 -15.57 -11.34
N LEU B 286 -4.17 -14.68 -12.30
CA LEU B 286 -4.18 -15.07 -13.71
C LEU B 286 -3.08 -16.07 -14.00
N THR B 287 -3.39 -17.08 -14.79
CA THR B 287 -2.41 -18.12 -15.04
C THR B 287 -2.41 -18.67 -16.45
N PHE B 288 -3.21 -18.14 -17.36
CA PHE B 288 -3.21 -18.66 -18.72
C PHE B 288 -1.93 -18.28 -19.42
N SER B 289 -1.52 -19.12 -20.35
CA SER B 289 -0.30 -18.87 -21.09
C SER B 289 -0.69 -18.27 -22.44
N PHE B 290 0.21 -17.48 -22.99
CA PHE B 290 0.06 -16.98 -24.35
C PHE B 290 1.27 -17.27 -25.21
N ASP B 291 2.18 -18.14 -24.77
CA ASP B 291 3.37 -18.49 -25.56
C ASP B 291 2.99 -19.56 -26.58
N TYR B 292 2.71 -19.12 -27.82
CA TYR B 292 2.13 -19.99 -28.82
C TYR B 292 3.15 -20.95 -29.44
N GLN B 293 4.40 -20.52 -29.57
CA GLN B 293 5.40 -21.34 -30.25
C GLN B 293 5.63 -22.69 -29.60
N PRO B 294 5.88 -22.81 -28.28
CA PRO B 294 6.08 -24.16 -27.75
C PRO B 294 4.77 -24.94 -27.64
N GLU B 327 -11.32 -20.67 -18.28
CA GLU B 327 -11.29 -20.98 -16.86
C GLU B 327 -11.52 -22.47 -16.69
N ILE B 328 -11.69 -23.16 -17.82
CA ILE B 328 -11.98 -24.59 -17.80
C ILE B 328 -10.77 -25.36 -17.29
N THR B 329 -9.60 -25.07 -17.83
CA THR B 329 -8.35 -25.73 -17.48
C THR B 329 -7.50 -24.85 -16.59
N SER B 330 -7.12 -23.67 -17.08
CA SER B 330 -6.33 -22.73 -16.29
C SER B 330 -6.48 -21.36 -16.95
N PHE B 331 -7.27 -20.49 -16.34
CA PHE B 331 -7.38 -19.11 -16.76
C PHE B 331 -7.15 -18.24 -15.53
N GLU B 332 -7.49 -18.78 -14.36
CA GLU B 332 -7.09 -18.19 -13.11
C GLU B 332 -7.18 -19.27 -12.05
N ILE B 333 -6.40 -19.12 -10.99
CA ILE B 333 -6.49 -20.04 -9.86
C ILE B 333 -7.04 -19.29 -8.66
N ASN B 334 -7.78 -19.99 -7.82
CA ASN B 334 -8.36 -19.40 -6.63
C ASN B 334 -7.52 -19.80 -5.42
N LEU B 335 -7.17 -18.82 -4.60
CA LEU B 335 -6.16 -19.04 -3.57
C LEU B 335 -6.74 -19.09 -2.17
N LYS B 336 -8.05 -19.07 -2.01
CA LYS B 336 -8.65 -19.27 -0.70
C LYS B 336 -9.01 -20.71 -0.42
N GLU B 337 -8.68 -21.62 -1.32
CA GLU B 337 -8.93 -23.03 -1.11
C GLU B 337 -7.96 -23.59 -0.07
N LYS B 338 -8.12 -24.87 0.25
CA LYS B 338 -7.28 -25.46 1.28
C LYS B 338 -6.07 -26.16 0.70
N LYS B 339 -6.10 -26.51 -0.58
CA LYS B 339 -4.99 -27.23 -1.17
C LYS B 339 -3.74 -26.36 -1.23
N TYR B 340 -3.92 -25.05 -1.26
CA TYR B 340 -2.82 -24.09 -1.30
C TYR B 340 -2.47 -23.60 0.09
N GLN B 341 -2.12 -24.52 0.99
CA GLN B 341 -1.70 -24.13 2.32
C GLN B 341 -0.37 -24.72 2.74
N GLU B 342 0.08 -25.78 2.10
CA GLU B 342 1.43 -26.28 2.29
C GLU B 342 2.17 -26.26 0.96
N ASP B 343 1.85 -25.27 0.12
CA ASP B 343 2.38 -25.20 -1.23
C ASP B 343 3.49 -24.15 -1.27
N PHE B 344 4.71 -24.59 -1.53
CA PHE B 344 5.89 -23.71 -1.59
C PHE B 344 6.38 -23.60 -3.03
N ASN B 345 5.78 -22.68 -3.78
CA ASN B 345 6.04 -22.50 -5.20
C ASN B 345 5.61 -21.08 -5.57
N PRO B 346 6.15 -20.52 -6.63
CA PRO B 346 5.65 -19.24 -7.11
C PRO B 346 4.32 -19.44 -7.80
N LEU B 347 3.57 -18.34 -7.93
CA LEU B 347 2.28 -18.38 -8.63
C LEU B 347 2.40 -18.87 -10.06
N VAL B 348 3.34 -18.32 -10.82
CA VAL B 348 3.59 -18.78 -12.18
C VAL B 348 5.08 -19.03 -12.35
N ARG B 349 5.43 -20.16 -12.91
CA ARG B 349 6.83 -20.46 -13.15
C ARG B 349 7.37 -19.48 -14.18
N GLY B 350 8.47 -18.81 -13.86
CA GLY B 350 9.18 -17.99 -14.81
C GLY B 350 8.68 -16.57 -14.90
N CYS B 351 7.61 -16.22 -14.19
CA CYS B 351 7.18 -14.84 -14.10
C CYS B 351 8.29 -14.03 -13.46
N SER B 352 8.47 -12.80 -13.91
CA SER B 352 9.61 -12.01 -13.46
C SER B 352 9.21 -10.89 -12.52
N CYS B 353 7.96 -10.87 -12.08
CA CYS B 353 7.52 -9.79 -11.21
C CYS B 353 8.17 -9.97 -9.85
N TYR B 354 7.91 -9.01 -8.96
CA TYR B 354 8.51 -9.04 -7.64
C TYR B 354 8.00 -10.25 -6.86
N CYS B 355 6.69 -10.46 -6.92
CA CYS B 355 6.07 -11.55 -6.16
C CYS B 355 6.66 -12.88 -6.56
N CYS B 356 6.84 -13.12 -7.85
CA CYS B 356 7.28 -14.43 -8.26
C CYS B 356 8.77 -14.60 -8.04
N LYS B 357 9.46 -13.54 -7.62
CA LYS B 357 10.89 -13.61 -7.34
C LYS B 357 11.17 -13.77 -5.86
N ASN B 358 10.21 -13.46 -5.02
CA ASN B 358 10.51 -13.48 -3.60
C ASN B 358 9.67 -14.50 -2.83
N HIS B 359 8.35 -14.49 -3.03
CA HIS B 359 7.41 -15.17 -2.16
C HIS B 359 6.88 -16.47 -2.76
N THR B 360 6.11 -17.20 -1.95
CA THR B 360 5.53 -18.49 -2.30
C THR B 360 4.02 -18.51 -2.06
N ARG B 361 3.37 -19.53 -2.61
CA ARG B 361 1.91 -19.64 -2.61
C ARG B 361 1.35 -19.76 -1.20
N ALA B 362 2.00 -20.57 -0.36
CA ALA B 362 1.65 -20.68 1.05
C ALA B 362 1.53 -19.32 1.69
N TYR B 363 2.54 -18.47 1.50
CA TYR B 363 2.54 -17.18 2.16
C TYR B 363 1.36 -16.33 1.69
N ILE B 364 1.01 -16.41 0.41
CA ILE B 364 -0.10 -15.60 -0.09
C ILE B 364 -1.44 -16.12 0.43
N HIS B 365 -1.57 -17.44 0.54
CA HIS B 365 -2.77 -18.02 1.16
C HIS B 365 -2.89 -17.59 2.61
N HIS B 366 -1.78 -17.65 3.35
CA HIS B 366 -1.78 -17.18 4.73
C HIS B 366 -2.19 -15.72 4.78
N LEU B 367 -1.75 -14.92 3.82
CA LEU B 367 -2.11 -13.52 3.83
C LEU B 367 -3.60 -13.33 3.53
N LEU B 368 -4.13 -14.13 2.61
CA LEU B 368 -5.52 -14.01 2.17
C LEU B 368 -6.49 -14.42 3.28
N VAL B 369 -6.25 -15.59 3.87
CA VAL B 369 -7.13 -16.12 4.91
C VAL B 369 -7.13 -15.23 6.14
N THR B 370 -5.98 -14.72 6.53
CA THR B 370 -5.90 -13.85 7.69
C THR B 370 -6.20 -12.39 7.38
N ASN B 371 -6.57 -12.08 6.13
CA ASN B 371 -7.12 -10.78 5.78
C ASN B 371 -6.08 -9.66 5.85
N GLU B 372 -5.04 -9.74 5.03
CA GLU B 372 -3.94 -8.79 5.02
C GLU B 372 -4.01 -7.84 3.83
N LEU B 373 -3.42 -6.65 3.99
CA LEU B 373 -3.38 -5.64 2.93
C LEU B 373 -2.34 -5.97 1.87
N LEU B 374 -1.21 -6.55 2.27
CA LEU B 374 -0.12 -6.76 1.33
C LEU B 374 -0.52 -7.73 0.22
N ALA B 375 -1.59 -8.50 0.41
CA ALA B 375 -2.03 -9.46 -0.59
C ALA B 375 -2.46 -8.78 -1.86
N GLY B 376 -3.23 -7.70 -1.74
CA GLY B 376 -3.60 -6.92 -2.91
C GLY B 376 -2.41 -6.40 -3.68
N VAL B 377 -1.42 -5.87 -2.97
CA VAL B 377 -0.24 -5.33 -3.65
C VAL B 377 0.46 -6.43 -4.41
N LEU B 378 0.71 -7.55 -3.74
CA LEU B 378 1.50 -8.60 -4.38
C LEU B 378 0.75 -9.22 -5.54
N LEU B 379 -0.59 -9.18 -5.54
CA LEU B 379 -1.33 -9.78 -6.64
C LEU B 379 -1.52 -8.82 -7.80
N MET B 380 -1.67 -7.52 -7.52
CA MET B 380 -1.78 -6.51 -8.56
C MET B 380 -0.49 -6.41 -9.36
N MET B 381 0.65 -6.39 -8.66
CA MET B 381 1.94 -6.41 -9.34
C MET B 381 2.10 -7.59 -10.26
N HIS B 382 1.43 -8.69 -10.01
CA HIS B 382 1.51 -9.84 -10.89
C HIS B 382 0.50 -9.77 -12.04
N ASN B 383 -0.75 -9.43 -11.75
CA ASN B 383 -1.78 -9.46 -12.78
C ASN B 383 -1.52 -8.42 -13.86
N PHE B 384 -1.21 -7.19 -13.46
CA PHE B 384 -0.83 -6.17 -14.43
C PHE B 384 0.31 -6.62 -15.33
N GLU B 385 1.37 -7.16 -14.74
CA GLU B 385 2.51 -7.57 -15.54
C GLU B 385 2.12 -8.66 -16.53
N HIS B 386 1.29 -9.61 -16.10
CA HIS B 386 0.86 -10.67 -17.01
C HIS B 386 0.09 -10.08 -18.19
N TYR B 387 -0.83 -9.17 -17.92
CA TYR B 387 -1.67 -8.62 -18.98
C TYR B 387 -0.83 -7.83 -19.98
N PHE B 388 0.06 -6.98 -19.48
CA PHE B 388 0.91 -6.19 -20.36
C PHE B 388 1.74 -7.10 -21.23
N GLY B 389 2.28 -8.17 -20.63
CA GLY B 389 3.00 -9.15 -21.42
C GLY B 389 2.16 -9.68 -22.56
N PHE B 390 0.88 -9.93 -22.28
CA PHE B 390 -0.01 -10.48 -23.29
C PHE B 390 -0.13 -9.52 -24.48
N PHE B 391 -0.32 -8.24 -24.20
CA PHE B 391 -0.50 -7.27 -25.28
C PHE B 391 0.77 -7.10 -26.08
N HIS B 392 1.92 -7.06 -25.41
CA HIS B 392 3.19 -7.01 -26.14
C HIS B 392 3.34 -8.22 -27.05
N TYR B 393 3.00 -9.41 -26.54
CA TYR B 393 3.14 -10.61 -27.35
C TYR B 393 2.19 -10.59 -28.55
N ILE B 394 0.96 -10.11 -28.36
CA ILE B 394 0.01 -10.17 -29.48
C ILE B 394 0.42 -9.17 -30.54
N ARG B 395 0.96 -8.02 -30.13
CA ARG B 395 1.46 -7.05 -31.10
C ARG B 395 2.62 -7.65 -31.88
N GLU B 396 3.53 -8.32 -31.18
CA GLU B 396 4.68 -8.91 -31.87
C GLU B 396 4.22 -9.99 -32.86
N ALA B 397 3.28 -10.82 -32.44
CA ALA B 397 2.80 -11.91 -33.29
C ALA B 397 2.10 -11.34 -34.52
N LEU B 398 1.27 -10.31 -34.33
CA LEU B 398 0.59 -9.68 -35.47
C LEU B 398 1.61 -9.06 -36.42
N LYS B 399 2.72 -8.56 -35.88
CA LYS B 399 3.81 -8.12 -36.75
C LYS B 399 4.31 -9.30 -37.58
N SER B 400 4.49 -10.45 -36.94
CA SER B 400 4.93 -11.63 -37.69
C SER B 400 3.77 -12.35 -38.36
N ASP B 401 2.52 -11.97 -38.08
CA ASP B 401 1.33 -12.50 -38.75
C ASP B 401 1.17 -14.00 -38.53
N LYS B 402 0.93 -14.35 -37.27
CA LYS B 402 0.63 -15.73 -36.89
C LYS B 402 -0.49 -15.74 -35.85
N LEU B 403 -1.56 -15.01 -36.15
CA LEU B 403 -2.61 -14.76 -35.18
C LEU B 403 -3.51 -15.98 -34.96
N ALA B 404 -3.56 -16.89 -35.94
CA ALA B 404 -4.46 -18.04 -35.85
C ALA B 404 -4.04 -18.98 -34.74
N GLN B 405 -2.73 -19.27 -34.66
CA GLN B 405 -2.22 -20.18 -33.66
C GLN B 405 -2.51 -19.65 -32.26
N LEU B 406 -2.24 -18.37 -32.04
CA LEU B 406 -2.48 -17.75 -30.74
C LEU B 406 -3.97 -17.75 -30.43
N LYS B 407 -4.80 -17.48 -31.43
CA LYS B 407 -6.25 -17.47 -31.21
C LYS B 407 -6.72 -18.85 -30.75
N GLU B 408 -6.22 -19.90 -31.38
CA GLU B 408 -6.59 -21.25 -30.98
C GLU B 408 -6.10 -21.54 -29.56
N LEU B 409 -4.87 -21.14 -29.24
CA LEU B 409 -4.33 -21.41 -27.91
C LEU B 409 -5.17 -20.72 -26.82
N ILE B 410 -5.58 -19.47 -27.05
CA ILE B 410 -6.41 -18.76 -26.09
C ILE B 410 -7.80 -19.37 -26.01
N HIS B 411 -8.39 -19.73 -27.15
CA HIS B 411 -9.77 -20.19 -27.15
C HIS B 411 -9.95 -21.53 -26.46
N ARG B 412 -8.96 -22.42 -26.51
CA ARG B 412 -9.14 -23.77 -26.01
C ARG B 412 -9.27 -23.84 -24.50
N GLN B 413 -8.99 -22.75 -23.79
CA GLN B 413 -9.02 -22.74 -22.32
C GLN B 413 -10.30 -22.10 -21.78
N ALA B 414 -10.53 -20.82 -22.08
CA ALA B 414 -11.67 -20.11 -21.51
C ALA B 414 -12.95 -20.38 -22.28
ZN ZN D . 8.98 12.61 4.77
C9 9DG E . 4.95 -5.94 26.07
C8 9DG E . 4.70 -4.83 26.83
N7 9DG E . 4.86 -5.12 28.13
C5 9DG E . 5.21 -6.43 28.22
C6 9DG E . 5.47 -7.20 29.36
O6 9DG E . 5.46 -6.84 30.52
N1 9DG E . 5.78 -8.49 29.03
C2 9DG E . 5.83 -8.97 27.76
N2 9DG E . 6.16 -10.28 27.63
N3 9DG E . 5.59 -8.27 26.71
C4 9DG E . 5.26 -6.98 26.96
ZN ZN F . 4.32 -13.00 -11.18
#